data_4ZX4
#
_entry.id   4ZX4
#
_cell.length_a   75.150
_cell.length_b   109.190
_cell.length_c   118.830
_cell.angle_alpha   90.000
_cell.angle_beta   90.000
_cell.angle_gamma   90.000
#
_symmetry.space_group_name_H-M   'P 21 21 21'
#
loop_
_entity.id
_entity.type
_entity.pdbx_description
1 polymer 'M1 family aminopeptidase'
2 non-polymer "N-[(1R)-2-(hydroxyamino)-2-oxo-1-(3',4',5'-trifluorobiphenyl-4-yl)ethyl]-2,2-dimethylpropanamide"
3 non-polymer 'ZINC ION'
4 non-polymer 'MAGNESIUM ION'
5 non-polymer 'PHOSPHATE ION'
6 non-polymer GLYCEROL
7 non-polymer 'DIMETHYL SULFOXIDE'
8 water water
#
_entity_poly.entity_id   1
_entity_poly.type   'polypeptide(L)'
_entity_poly.pdbx_seq_one_letter_code
;EPKIHYRKDYKPSGFIINQVTLNINIHDQETIVRSVLDMDISKHNVGEDLVFDGVGLKINEISINNKKLVEGEEYTYDNE
FLTIFSKFVPKSKFAFSSEVIIHPETNYALTGLYKSKNIIVSQCEATGFRRITFFIDRPDMMAKYDVTVTADKEKYPVLL
SNGDKVNEFEIPGGRHGARFNDPPLKPCYLFAVVAGDLKHLSATYITKYTKKKVELYVFSEEKYVSKLQWALECLKKSMA
FDEDYFGLEYDLSRLNLVAVSDFNVGAMENKGLNIFNANSLLASKKNSIDFSYARILTVVGHEYFHQYTGNRVTLRDWFQ
LTLKEGLTVHRENLFSEEMTKTVTTRLSHVDLLRSVQFLEDSSPLSHPIRPESYVSMENFYTTTVYDKGSEVMRMYLTIL
GEEYYKKGFDIYIKKNDGNTATCEDFNYAMEQAYKMKKADNSANLNQYLLWFSQSGTPHVSFKYNYDAEKKQYSIHVNQY
TKPDENQKEKKPLFIPISVGLINPENGKEMISQTTLELTKESDTFVFNNIAVKPIPSLFRGFSAPVYIEDQLTDEERILL
LKYDSDAFVRYNSCTNIYMKQILMNYNEFLKAKNEKLESFQLTPVNAQFIDAIKYLLEDPHADAGFKSYIVSLPQDRYII
NFVSNLDTDVLADTKEYIYKQIGDKLNDVYYKMFKSLEAKADDLTYFNDESHVDFDQMNMRTLRNTLLSLLSKAQYPNIL
NEIIEHSKSPYPSNWLTSLSVSAYFDKYFELYDKTYKLSKDDELLLQEWLKTVSRSDRKDIYEILKKLENEVLKDSKNPN
DIRAVYLPFTNNLRRFHDISGKGYKLIAEVITKTDKFNPMVATQLCEPFKLWNKLDTKRQELMLNEMNTMLQEPQISNNL
KEYLLRLTNK
;
_entity_poly.pdbx_strand_id   A
#
# COMPACT_ATOMS: atom_id res chain seq x y z
N PRO A 2 -5.06 23.83 -16.48
CA PRO A 2 -5.18 22.50 -15.85
C PRO A 2 -6.52 22.31 -15.15
N LYS A 3 -7.32 21.37 -15.65
CA LYS A 3 -8.71 21.22 -15.21
C LYS A 3 -8.81 20.57 -13.82
N ILE A 4 -9.58 21.19 -12.95
CA ILE A 4 -9.79 20.68 -11.60
C ILE A 4 -11.19 20.13 -11.47
N HIS A 5 -11.31 18.86 -11.09
CA HIS A 5 -12.61 18.24 -10.92
C HIS A 5 -13.02 18.32 -9.46
N TYR A 6 -14.28 18.70 -9.23
CA TYR A 6 -14.81 18.85 -7.87
C TYR A 6 -15.85 17.81 -7.56
N ARG A 7 -15.73 17.19 -6.38
CA ARG A 7 -16.69 16.17 -5.97
C ARG A 7 -18.13 16.64 -6.04
N LYS A 8 -18.37 17.90 -5.67
CA LYS A 8 -19.74 18.41 -5.60
C LYS A 8 -20.38 18.55 -6.99
N ASP A 9 -19.56 18.45 -8.03
CA ASP A 9 -20.02 18.72 -9.39
C ASP A 9 -20.49 17.48 -10.14
N TYR A 10 -20.62 16.34 -9.45
CA TYR A 10 -20.98 15.12 -10.16
C TYR A 10 -22.36 15.24 -10.83
N LYS A 11 -22.41 14.97 -12.14
CA LYS A 11 -23.67 14.85 -12.87
C LYS A 11 -23.57 13.68 -13.85
N PRO A 12 -24.67 12.92 -14.00
CA PRO A 12 -24.62 11.85 -15.00
C PRO A 12 -24.42 12.41 -16.42
N SER A 13 -23.81 11.60 -17.28
CA SER A 13 -23.57 11.89 -18.70
C SER A 13 -24.87 12.11 -19.45
N GLY A 14 -24.82 12.90 -20.52
CA GLY A 14 -25.93 12.97 -21.45
C GLY A 14 -25.95 11.81 -22.45
N PHE A 15 -25.02 10.87 -22.30
CA PHE A 15 -24.98 9.73 -23.22
C PHE A 15 -24.95 8.40 -22.51
N ILE A 16 -25.31 7.36 -23.25
CA ILE A 16 -25.18 5.98 -22.77
C ILE A 16 -24.37 5.17 -23.77
N ILE A 17 -23.50 4.30 -23.24
CA ILE A 17 -22.80 3.33 -24.07
C ILE A 17 -23.26 1.95 -23.60
N ASN A 18 -24.04 1.25 -24.44
CA ASN A 18 -24.59 -0.05 -24.05
C ASN A 18 -23.69 -1.18 -24.44
N GLN A 19 -23.02 -1.06 -25.59
CA GLN A 19 -22.21 -2.17 -26.07
C GLN A 19 -20.92 -1.64 -26.68
N VAL A 20 -19.82 -2.27 -26.29
CA VAL A 20 -18.52 -2.06 -26.88
C VAL A 20 -18.14 -3.30 -27.70
N THR A 21 -17.79 -3.12 -28.95
CA THR A 21 -17.25 -4.23 -29.74
C THR A 21 -15.85 -3.87 -30.29
N LEU A 22 -14.82 -4.51 -29.75
CA LEU A 22 -13.42 -4.18 -30.09
C LEU A 22 -12.76 -5.20 -30.98
N ASN A 23 -11.94 -4.72 -31.92
CA ASN A 23 -10.97 -5.53 -32.62
C ASN A 23 -9.58 -4.90 -32.38
N ILE A 24 -8.72 -5.64 -31.69
CA ILE A 24 -7.36 -5.19 -31.36
C ILE A 24 -6.35 -6.04 -32.16
N ASN A 25 -5.78 -5.43 -33.20
CA ASN A 25 -4.87 -6.13 -34.09
C ASN A 25 -3.42 -5.70 -33.82
N ILE A 26 -2.69 -6.59 -33.17
CA ILE A 26 -1.33 -6.30 -32.75
C ILE A 26 -0.31 -6.63 -33.84
N HIS A 27 0.49 -5.63 -34.22
CA HIS A 27 1.59 -5.86 -35.16
C HIS A 27 2.87 -5.36 -34.50
N ASP A 28 4.02 -5.66 -35.08
CA ASP A 28 5.29 -5.27 -34.47
C ASP A 28 5.45 -3.75 -34.30
N GLN A 29 5.04 -2.98 -35.31
CA GLN A 29 5.25 -1.53 -35.29
C GLN A 29 4.00 -0.72 -35.01
N GLU A 30 2.88 -1.40 -34.79
CA GLU A 30 1.61 -0.72 -34.57
C GLU A 30 0.54 -1.70 -34.10
N THR A 31 -0.40 -1.17 -33.33
CA THR A 31 -1.58 -1.92 -32.97
C THR A 31 -2.79 -1.14 -33.50
N ILE A 32 -3.59 -1.81 -34.31
CA ILE A 32 -4.78 -1.20 -34.86
C ILE A 32 -5.98 -1.56 -34.00
N VAL A 33 -6.69 -0.52 -33.53
CA VAL A 33 -7.86 -0.73 -32.70
C VAL A 33 -9.10 -0.25 -33.43
N ARG A 34 -9.98 -1.19 -33.74
CA ARG A 34 -11.30 -0.84 -34.27
C ARG A 34 -12.35 -0.98 -33.16
N SER A 35 -13.23 0.01 -33.05
CA SER A 35 -14.23 0.01 -31.99
C SER A 35 -15.60 0.45 -32.50
N VAL A 36 -16.63 -0.35 -32.22
CA VAL A 36 -18.00 0.06 -32.45
C VAL A 36 -18.64 0.24 -31.07
N LEU A 37 -19.19 1.44 -30.85
CA LEU A 37 -19.90 1.74 -29.62
C LEU A 37 -21.39 1.86 -29.91
N ASP A 38 -22.20 0.99 -29.32
CA ASP A 38 -23.65 1.10 -29.50
C ASP A 38 -24.13 2.03 -28.42
N MET A 39 -24.65 3.17 -28.83
CA MET A 39 -24.87 4.25 -27.89
C MET A 39 -26.31 4.75 -27.88
N ASP A 40 -26.62 5.53 -26.85
CA ASP A 40 -27.94 6.13 -26.74
C ASP A 40 -27.81 7.49 -26.10
N ILE A 41 -28.91 8.21 -26.13
CA ILE A 41 -29.06 9.52 -25.52
C ILE A 41 -29.73 9.33 -24.16
N SER A 42 -29.13 9.84 -23.09
CA SER A 42 -29.72 9.71 -21.74
C SER A 42 -30.76 10.80 -21.43
N LYS A 43 -31.49 10.60 -20.33
CA LYS A 43 -32.52 11.57 -19.90
C LYS A 43 -31.91 12.89 -19.48
N HIS A 44 -30.59 12.93 -19.32
CA HIS A 44 -29.90 14.12 -18.90
C HIS A 44 -29.38 14.93 -20.05
N ASN A 45 -29.48 14.38 -21.24
CA ASN A 45 -28.98 15.05 -22.43
C ASN A 45 -29.69 16.40 -22.72
N VAL A 46 -28.91 17.44 -22.99
CA VAL A 46 -29.44 18.79 -23.30
C VAL A 46 -28.96 19.25 -24.67
N GLY A 47 -28.75 18.28 -25.55
CA GLY A 47 -28.35 18.56 -26.92
C GLY A 47 -26.89 18.95 -27.08
N GLU A 48 -26.06 18.60 -26.10
CA GLU A 48 -24.64 18.96 -26.14
C GLU A 48 -23.84 18.22 -27.23
N ASP A 49 -22.63 18.73 -27.52
CA ASP A 49 -21.69 18.01 -28.36
C ASP A 49 -21.38 16.66 -27.74
N LEU A 50 -21.11 15.66 -28.59
CA LEU A 50 -20.65 14.35 -28.13
C LEU A 50 -19.14 14.39 -27.97
N VAL A 51 -18.67 14.36 -26.74
CA VAL A 51 -17.25 14.48 -26.48
C VAL A 51 -16.68 13.21 -25.91
N PHE A 52 -15.74 12.60 -26.62
CA PHE A 52 -15.08 11.41 -26.12
C PHE A 52 -13.72 11.75 -25.56
N ASP A 53 -13.30 11.00 -24.53
CA ASP A 53 -11.89 10.99 -24.16
C ASP A 53 -11.14 10.16 -25.17
N GLY A 54 -9.94 10.61 -25.52
CA GLY A 54 -9.06 9.84 -26.36
C GLY A 54 -7.70 10.51 -26.35
N VAL A 55 -6.71 9.82 -25.81
CA VAL A 55 -5.41 10.45 -25.56
C VAL A 55 -4.32 9.74 -26.38
N GLY A 56 -3.67 10.50 -27.25
CA GLY A 56 -2.53 9.99 -27.99
C GLY A 56 -2.94 9.01 -29.07
N LEU A 57 -4.18 9.09 -29.50
CA LEU A 57 -4.71 8.20 -30.52
C LEU A 57 -4.45 8.76 -31.92
N LYS A 58 -4.13 7.90 -32.88
CA LYS A 58 -3.93 8.32 -34.28
C LYS A 58 -5.18 7.89 -35.04
N ILE A 59 -5.98 8.86 -35.48
CA ILE A 59 -7.24 8.55 -36.17
C ILE A 59 -7.03 8.06 -37.60
N ASN A 60 -7.54 6.85 -37.89
CA ASN A 60 -7.63 6.36 -39.27
C ASN A 60 -8.97 6.74 -39.85
N GLU A 61 -10.03 6.44 -39.10
CA GLU A 61 -11.33 6.96 -39.46
C GLU A 61 -12.29 6.89 -38.29
N ILE A 62 -13.29 7.79 -38.31
CA ILE A 62 -14.42 7.66 -37.41
C ILE A 62 -15.71 7.79 -38.21
N SER A 63 -16.77 7.18 -37.68
CA SER A 63 -18.06 7.14 -38.35
C SER A 63 -19.18 7.14 -37.31
N ILE A 64 -20.34 7.63 -37.74
CA ILE A 64 -21.58 7.49 -36.97
C ILE A 64 -22.60 6.78 -37.87
N ASN A 65 -23.15 5.67 -37.39
CA ASN A 65 -24.07 4.84 -38.21
C ASN A 65 -23.50 4.48 -39.58
N ASN A 66 -22.21 4.13 -39.61
CA ASN A 66 -21.48 3.69 -40.81
C ASN A 66 -21.28 4.79 -41.84
N LYS A 67 -21.53 6.04 -41.47
CA LYS A 67 -21.23 7.15 -42.38
C LYS A 67 -19.97 7.86 -41.87
N LYS A 68 -18.95 7.90 -42.71
CA LYS A 68 -17.68 8.52 -42.36
C LYS A 68 -17.87 9.97 -41.91
N LEU A 69 -17.18 10.37 -40.85
CA LEU A 69 -17.19 11.74 -40.34
C LEU A 69 -16.00 12.53 -40.89
N VAL A 70 -16.20 13.81 -41.17
CA VAL A 70 -15.14 14.59 -41.79
C VAL A 70 -14.54 15.53 -40.78
N GLU A 71 -13.21 15.43 -40.64
CA GLU A 71 -12.46 16.28 -39.72
C GLU A 71 -12.58 17.77 -40.07
N GLY A 72 -12.83 18.61 -39.07
CA GLY A 72 -12.98 20.04 -39.25
C GLY A 72 -14.43 20.49 -39.27
N GLU A 73 -15.22 19.84 -40.12
CA GLU A 73 -16.62 20.21 -40.33
C GLU A 73 -17.56 19.56 -39.30
N GLU A 74 -17.28 18.31 -38.96
CA GLU A 74 -18.16 17.51 -38.12
C GLU A 74 -17.49 17.12 -36.80
N TYR A 75 -16.16 17.11 -36.80
CA TYR A 75 -15.43 16.82 -35.56
C TYR A 75 -14.06 17.45 -35.52
N THR A 76 -13.57 17.63 -34.30
CA THR A 76 -12.21 18.06 -34.05
C THR A 76 -11.58 17.08 -33.06
N TYR A 77 -10.28 16.85 -33.20
CA TYR A 77 -9.52 16.07 -32.23
C TYR A 77 -8.24 16.81 -31.88
N ASP A 78 -7.97 16.93 -30.59
CA ASP A 78 -6.84 17.69 -30.10
C ASP A 78 -5.84 16.85 -29.31
N ASN A 79 -5.88 15.53 -29.54
CA ASN A 79 -5.05 14.52 -28.84
C ASN A 79 -5.49 14.25 -27.39
N GLU A 80 -6.59 14.87 -26.94
CA GLU A 80 -7.14 14.66 -25.61
C GLU A 80 -8.65 14.38 -25.65
N PHE A 81 -9.37 15.18 -26.43
CA PHE A 81 -10.83 15.02 -26.59
C PHE A 81 -11.20 14.97 -28.06
N LEU A 82 -12.06 14.02 -28.42
CA LEU A 82 -12.70 14.01 -29.72
C LEU A 82 -14.05 14.72 -29.54
N THR A 83 -14.27 15.83 -30.21
CA THR A 83 -15.55 16.52 -30.14
C THR A 83 -16.32 16.29 -31.46
N ILE A 84 -17.57 15.84 -31.35
CA ILE A 84 -18.46 15.73 -32.50
C ILE A 84 -19.61 16.69 -32.26
N PHE A 85 -19.71 17.69 -33.13
CA PHE A 85 -20.64 18.81 -32.91
C PHE A 85 -22.08 18.28 -32.88
N SER A 86 -22.88 18.78 -31.95
CA SER A 86 -24.22 18.20 -31.71
C SER A 86 -25.07 18.00 -32.98
N LYS A 87 -25.00 18.91 -33.95
CA LYS A 87 -25.89 18.81 -35.11
C LYS A 87 -25.66 17.49 -35.88
N PHE A 88 -24.53 16.85 -35.63
CA PHE A 88 -24.20 15.59 -36.27
C PHE A 88 -24.37 14.41 -35.35
N VAL A 89 -24.82 14.68 -34.14
CA VAL A 89 -25.06 13.61 -33.18
C VAL A 89 -26.53 13.20 -33.26
N PRO A 90 -26.80 11.89 -33.50
CA PRO A 90 -28.18 11.37 -33.62
C PRO A 90 -29.00 11.60 -32.36
N LYS A 91 -30.33 11.53 -32.46
CA LYS A 91 -31.16 11.86 -31.30
C LYS A 91 -31.75 10.62 -30.65
N SER A 92 -31.53 9.46 -31.26
CA SER A 92 -31.85 8.21 -30.58
C SER A 92 -30.67 7.27 -30.72
N LYS A 93 -30.92 5.99 -30.46
CA LYS A 93 -29.88 4.97 -30.50
C LYS A 93 -29.06 5.03 -31.79
N PHE A 94 -27.74 5.01 -31.62
CA PHE A 94 -26.85 5.10 -32.77
C PHE A 94 -25.57 4.33 -32.51
N ALA A 95 -24.82 4.11 -33.58
CA ALA A 95 -23.52 3.47 -33.51
C ALA A 95 -22.41 4.48 -33.78
N PHE A 96 -21.45 4.57 -32.89
CA PHE A 96 -20.23 5.30 -33.18
C PHE A 96 -19.13 4.30 -33.44
N SER A 97 -18.34 4.51 -34.49
CA SER A 97 -17.20 3.63 -34.68
C SER A 97 -15.92 4.41 -35.01
N SER A 98 -14.79 3.77 -34.74
CA SER A 98 -13.50 4.40 -35.00
C SER A 98 -12.48 3.34 -35.29
N GLU A 99 -11.42 3.75 -35.98
CA GLU A 99 -10.25 2.93 -36.09
C GLU A 99 -9.06 3.82 -35.78
N VAL A 100 -8.27 3.43 -34.80
CA VAL A 100 -7.11 4.22 -34.40
C VAL A 100 -5.85 3.36 -34.36
N ILE A 101 -4.71 4.03 -34.42
CA ILE A 101 -3.44 3.34 -34.29
C ILE A 101 -2.79 3.78 -32.98
N ILE A 102 -2.32 2.78 -32.23
CA ILE A 102 -1.54 3.06 -31.04
C ILE A 102 -0.24 2.26 -31.07
N HIS A 103 0.62 2.53 -30.10
CA HIS A 103 1.96 1.96 -30.15
C HIS A 103 2.42 1.44 -28.80
N PRO A 104 1.95 0.26 -28.42
CA PRO A 104 2.30 -0.25 -27.08
C PRO A 104 3.81 -0.46 -26.95
N GLU A 105 4.48 -0.63 -28.07
CA GLU A 105 5.90 -0.97 -28.07
C GLU A 105 6.75 0.18 -27.59
N THR A 106 6.26 1.41 -27.74
CA THR A 106 7.03 2.56 -27.31
C THR A 106 6.34 3.23 -26.11
N ASN A 107 5.36 2.53 -25.53
CA ASN A 107 4.59 3.10 -24.43
C ASN A 107 5.26 2.77 -23.09
N TYR A 108 6.22 3.63 -22.71
CA TYR A 108 7.03 3.44 -21.49
C TYR A 108 6.40 3.94 -20.19
N ALA A 109 5.23 4.57 -20.31
CA ALA A 109 4.53 5.08 -19.13
C ALA A 109 3.65 3.99 -18.47
N LEU A 110 3.43 2.89 -19.19
CA LEU A 110 2.78 1.69 -18.62
C LEU A 110 1.33 1.95 -18.18
N THR A 111 0.67 2.80 -18.96
CA THR A 111 -0.73 3.07 -18.83
C THR A 111 -1.36 2.88 -20.22
N GLY A 112 -2.58 2.36 -20.28
CA GLY A 112 -3.21 2.06 -21.57
C GLY A 112 -2.65 0.72 -22.03
N LEU A 113 -2.38 0.58 -23.33
CA LEU A 113 -1.84 -0.67 -23.83
C LEU A 113 -0.32 -0.57 -23.99
N TYR A 114 0.43 -1.48 -23.39
CA TYR A 114 1.87 -1.36 -23.51
C TYR A 114 2.56 -2.71 -23.55
N LYS A 115 3.84 -2.67 -23.91
CA LYS A 115 4.63 -3.88 -24.09
C LYS A 115 5.53 -3.99 -22.86
N SER A 116 5.38 -5.07 -22.10
CA SER A 116 6.29 -5.36 -21.01
C SER A 116 7.18 -6.56 -21.38
N LYS A 117 8.44 -6.29 -21.69
CA LYS A 117 9.33 -7.32 -22.22
C LYS A 117 8.64 -7.91 -23.48
N ASN A 118 8.24 -9.19 -23.45
CA ASN A 118 7.56 -9.75 -24.63
C ASN A 118 6.08 -10.08 -24.38
N ILE A 119 5.48 -9.36 -23.43
CA ILE A 119 4.05 -9.49 -23.15
C ILE A 119 3.37 -8.16 -23.50
N ILE A 120 2.26 -8.22 -24.20
CA ILE A 120 1.46 -7.02 -24.42
C ILE A 120 0.40 -7.02 -23.33
N VAL A 121 0.23 -5.88 -22.67
CA VAL A 121 -0.64 -5.89 -21.52
C VAL A 121 -1.29 -4.51 -21.38
N SER A 122 -2.49 -4.46 -20.82
CA SER A 122 -3.14 -3.17 -20.57
C SER A 122 -3.18 -2.79 -19.08
N GLN A 123 -3.25 -1.49 -18.81
CA GLN A 123 -3.57 -0.99 -17.49
C GLN A 123 -4.52 0.19 -17.67
N CYS A 124 -5.79 0.01 -17.29
CA CYS A 124 -6.78 1.03 -17.60
C CYS A 124 -7.24 1.87 -16.40
N GLU A 125 -7.09 1.37 -15.18
CA GLU A 125 -7.40 2.25 -14.04
C GLU A 125 -6.32 3.35 -13.96
N ALA A 126 -6.71 4.62 -13.75
CA ALA A 126 -8.11 5.07 -13.62
C ALA A 126 -8.69 5.46 -14.97
N THR A 127 -7.92 6.23 -15.73
CA THR A 127 -8.40 6.75 -17.01
C THR A 127 -7.42 6.38 -18.12
N GLY A 128 -7.01 5.11 -18.14
CA GLY A 128 -6.13 4.64 -19.19
C GLY A 128 -6.88 4.02 -20.39
N PHE A 129 -8.16 3.71 -20.25
CA PHE A 129 -8.87 3.11 -21.41
C PHE A 129 -8.86 4.06 -22.63
N ARG A 130 -8.90 5.37 -22.36
CA ARG A 130 -8.96 6.40 -23.40
C ARG A 130 -7.63 6.50 -24.17
N ARG A 131 -6.59 5.81 -23.66
CA ARG A 131 -5.32 5.70 -24.41
C ARG A 131 -5.31 4.53 -25.39
N ILE A 132 -6.38 3.74 -25.32
CA ILE A 132 -6.55 2.59 -26.20
C ILE A 132 -7.56 2.86 -27.31
N THR A 133 -8.68 3.49 -26.96
CA THR A 133 -9.68 3.88 -27.94
C THR A 133 -10.56 5.00 -27.35
N PHE A 134 -11.40 5.62 -28.18
CA PHE A 134 -12.29 6.67 -27.69
C PHE A 134 -13.34 6.13 -26.77
N PHE A 135 -13.63 6.87 -25.71
CA PHE A 135 -14.66 6.44 -24.76
C PHE A 135 -15.10 7.59 -23.88
N ILE A 136 -16.22 7.43 -23.20
CA ILE A 136 -16.57 8.38 -22.15
C ILE A 136 -16.00 7.73 -20.89
N ASP A 137 -14.73 8.03 -20.67
CA ASP A 137 -13.88 7.26 -19.77
C ASP A 137 -14.11 7.65 -18.30
N ARG A 138 -15.18 7.13 -17.71
CA ARG A 138 -15.57 7.36 -16.31
C ARG A 138 -16.32 6.12 -15.81
N PRO A 139 -16.21 5.80 -14.52
CA PRO A 139 -16.70 4.48 -14.09
C PRO A 139 -18.22 4.33 -14.06
N ASP A 140 -18.99 5.40 -14.24
CA ASP A 140 -20.44 5.22 -14.22
C ASP A 140 -20.99 4.92 -15.62
N MET A 141 -20.10 4.88 -16.63
CA MET A 141 -20.51 4.50 -18.01
C MET A 141 -20.37 2.97 -18.19
N MET A 142 -21.36 2.23 -17.72
CA MET A 142 -21.31 0.77 -17.70
C MET A 142 -21.74 0.21 -19.05
N ALA A 143 -20.98 -0.73 -19.60
CA ALA A 143 -21.32 -1.33 -20.90
C ALA A 143 -21.00 -2.81 -20.96
N LYS A 144 -21.52 -3.49 -21.98
CA LYS A 144 -21.14 -4.88 -22.29
C LYS A 144 -19.94 -4.87 -23.26
N TYR A 145 -19.07 -5.87 -23.17
CA TYR A 145 -17.87 -5.91 -24.00
C TYR A 145 -17.74 -7.18 -24.81
N ASP A 146 -17.47 -7.01 -26.10
CA ASP A 146 -17.20 -8.12 -27.02
C ASP A 146 -15.84 -7.81 -27.66
N VAL A 147 -14.81 -8.58 -27.32
CA VAL A 147 -13.44 -8.19 -27.64
C VAL A 147 -12.72 -9.26 -28.45
N THR A 148 -12.24 -8.89 -29.62
CA THR A 148 -11.38 -9.76 -30.42
C THR A 148 -9.94 -9.24 -30.48
N VAL A 149 -9.00 -10.11 -30.15
CA VAL A 149 -7.58 -9.82 -30.24
C VAL A 149 -6.95 -10.70 -31.32
N THR A 150 -6.13 -10.10 -32.19
CA THR A 150 -5.36 -10.88 -33.16
C THR A 150 -3.89 -10.50 -33.05
N ALA A 151 -3.03 -11.47 -33.34
CA ALA A 151 -1.58 -11.28 -33.17
C ALA A 151 -0.81 -12.36 -33.91
N ASP A 152 0.49 -12.13 -34.09
CA ASP A 152 1.39 -13.16 -34.57
C ASP A 152 1.37 -14.36 -33.62
N LYS A 153 1.19 -15.56 -34.17
CA LYS A 153 0.96 -16.74 -33.32
C LYS A 153 2.20 -17.21 -32.58
N GLU A 154 3.36 -17.19 -33.25
CA GLU A 154 4.60 -17.64 -32.60
C GLU A 154 4.96 -16.74 -31.41
N LYS A 155 4.90 -15.41 -31.60
CA LYS A 155 5.19 -14.47 -30.51
C LYS A 155 4.11 -14.35 -29.43
N TYR A 156 2.83 -14.47 -29.83
CA TYR A 156 1.72 -14.28 -28.88
C TYR A 156 0.69 -15.41 -28.90
N PRO A 157 1.10 -16.62 -28.50
CA PRO A 157 0.19 -17.79 -28.55
C PRO A 157 -0.94 -17.68 -27.54
N VAL A 158 -0.72 -16.97 -26.44
CA VAL A 158 -1.75 -16.87 -25.42
C VAL A 158 -2.39 -15.50 -25.51
N LEU A 159 -3.69 -15.51 -25.81
CA LEU A 159 -4.50 -14.30 -25.92
C LEU A 159 -5.57 -14.32 -24.81
N LEU A 160 -5.65 -13.26 -24.00
CA LEU A 160 -6.66 -13.19 -22.94
C LEU A 160 -7.38 -11.83 -22.93
N SER A 161 -8.67 -11.85 -22.60
CA SER A 161 -9.43 -10.65 -22.25
C SER A 161 -10.49 -11.05 -21.23
N ASN A 162 -11.34 -10.12 -20.81
CA ASN A 162 -12.45 -10.41 -19.90
C ASN A 162 -13.49 -11.32 -20.52
N GLY A 163 -14.18 -12.08 -19.69
CA GLY A 163 -15.33 -12.84 -20.12
C GLY A 163 -14.98 -14.22 -20.64
N ASP A 164 -15.89 -14.78 -21.41
CA ASP A 164 -15.73 -16.11 -21.98
C ASP A 164 -15.01 -16.06 -23.31
N LYS A 165 -14.03 -16.93 -23.51
CA LYS A 165 -13.44 -17.06 -24.84
C LYS A 165 -14.42 -17.82 -25.73
N VAL A 166 -14.95 -17.16 -26.75
CA VAL A 166 -16.02 -17.80 -27.51
C VAL A 166 -15.59 -18.26 -28.88
N ASN A 167 -14.41 -17.83 -29.31
CA ASN A 167 -13.86 -18.29 -30.59
C ASN A 167 -12.35 -18.15 -30.63
N GLU A 168 -11.71 -19.09 -31.32
CA GLU A 168 -10.27 -19.06 -31.61
C GLU A 168 -10.11 -19.38 -33.09
N PHE A 169 -9.26 -18.68 -33.80
CA PHE A 169 -9.17 -18.93 -35.25
C PHE A 169 -7.81 -18.55 -35.82
N GLU A 170 -7.49 -19.22 -36.94
CA GLU A 170 -6.26 -18.96 -37.66
C GLU A 170 -6.43 -17.78 -38.60
N ILE A 171 -5.35 -17.06 -38.86
CA ILE A 171 -5.33 -15.91 -39.77
C ILE A 171 -4.13 -16.03 -40.72
N PRO A 172 -4.34 -15.79 -42.02
CA PRO A 172 -3.22 -15.86 -42.98
C PRO A 172 -2.01 -15.05 -42.55
N GLY A 173 -0.82 -15.56 -42.85
CA GLY A 173 0.41 -14.86 -42.51
C GLY A 173 0.93 -15.17 -41.12
N GLY A 174 0.52 -16.28 -40.53
CA GLY A 174 1.05 -16.72 -39.25
C GLY A 174 0.38 -16.07 -38.04
N ARG A 175 -0.80 -15.48 -38.25
CA ARG A 175 -1.53 -14.81 -37.17
C ARG A 175 -2.70 -15.66 -36.72
N HIS A 176 -3.46 -15.16 -35.74
CA HIS A 176 -4.27 -16.12 -35.01
C HIS A 176 -5.11 -15.15 -34.16
N GLY A 177 -6.36 -15.51 -33.89
CA GLY A 177 -7.23 -14.59 -33.15
C GLY A 177 -8.05 -15.26 -32.08
N ALA A 178 -8.51 -14.46 -31.13
CA ALA A 178 -9.45 -14.94 -30.10
C ALA A 178 -10.48 -13.87 -29.78
N ARG A 179 -11.73 -14.33 -29.66
CA ARG A 179 -12.85 -13.48 -29.33
C ARG A 179 -13.36 -13.80 -27.92
N PHE A 180 -13.51 -12.77 -27.11
CA PHE A 180 -14.01 -12.86 -25.74
C PHE A 180 -15.29 -12.06 -25.59
N ASN A 181 -16.36 -12.70 -25.13
CA ASN A 181 -17.60 -11.98 -24.87
C ASN A 181 -17.87 -11.92 -23.39
N ASP A 182 -18.07 -10.70 -22.89
CA ASP A 182 -18.29 -10.46 -21.46
C ASP A 182 -19.63 -9.75 -21.27
N PRO A 183 -20.72 -10.52 -21.18
CA PRO A 183 -22.05 -9.89 -21.12
C PRO A 183 -22.37 -9.03 -19.87
N PRO A 184 -21.93 -9.39 -18.65
CA PRO A 184 -22.27 -8.51 -17.53
C PRO A 184 -21.73 -7.06 -17.73
N LEU A 185 -22.49 -6.03 -17.35
CA LEU A 185 -22.00 -4.65 -17.45
C LEU A 185 -20.73 -4.42 -16.63
N LYS A 186 -19.82 -3.58 -17.12
CA LYS A 186 -18.69 -3.17 -16.30
C LYS A 186 -18.24 -1.77 -16.71
N PRO A 187 -17.54 -1.06 -15.80
CA PRO A 187 -16.86 0.18 -16.17
C PRO A 187 -15.63 -0.11 -17.02
N CYS A 188 -15.18 0.84 -17.83
CA CYS A 188 -14.10 0.54 -18.76
C CYS A 188 -12.75 0.34 -18.06
N TYR A 189 -12.61 0.84 -16.82
CA TYR A 189 -11.30 0.70 -16.15
C TYR A 189 -11.03 -0.76 -15.77
N LEU A 190 -12.07 -1.59 -15.77
CA LEU A 190 -11.91 -3.03 -15.51
C LEU A 190 -11.67 -3.87 -16.81
N PHE A 191 -11.70 -3.24 -18.00
CA PHE A 191 -11.27 -3.88 -19.23
C PHE A 191 -9.79 -4.28 -19.15
N ALA A 192 -9.42 -5.42 -19.71
CA ALA A 192 -8.02 -5.78 -19.84
C ALA A 192 -7.82 -6.71 -21.01
N VAL A 193 -6.62 -6.66 -21.57
CA VAL A 193 -6.21 -7.59 -22.61
C VAL A 193 -4.75 -7.95 -22.35
N VAL A 194 -4.41 -9.21 -22.61
CA VAL A 194 -3.05 -9.70 -22.47
C VAL A 194 -2.70 -10.56 -23.66
N ALA A 195 -1.51 -10.39 -24.22
CA ALA A 195 -1.02 -11.27 -25.30
C ALA A 195 0.45 -11.62 -25.03
N GLY A 196 0.79 -12.90 -25.13
CA GLY A 196 2.15 -13.29 -24.87
C GLY A 196 2.42 -14.77 -24.96
N ASP A 197 3.69 -15.12 -24.83
CA ASP A 197 4.10 -16.52 -24.80
C ASP A 197 4.09 -16.96 -23.33
N LEU A 198 2.88 -17.06 -22.78
CA LEU A 198 2.70 -17.29 -21.36
C LEU A 198 2.66 -18.77 -21.05
N LYS A 199 3.26 -19.14 -19.92
CA LYS A 199 3.14 -20.50 -19.40
C LYS A 199 2.30 -20.39 -18.13
N HIS A 200 1.70 -21.49 -17.69
CA HIS A 200 0.76 -21.38 -16.55
C HIS A 200 0.82 -22.58 -15.60
N LEU A 201 0.30 -22.37 -14.39
CA LEU A 201 -0.19 -23.44 -13.52
C LEU A 201 -1.69 -23.24 -13.41
N SER A 202 -2.43 -24.31 -13.14
CA SER A 202 -3.86 -24.17 -13.00
C SER A 202 -4.44 -25.19 -12.02
N ALA A 203 -5.66 -24.91 -11.57
CA ALA A 203 -6.38 -25.75 -10.62
C ALA A 203 -7.87 -25.50 -10.77
N THR A 204 -8.68 -26.41 -10.24
CA THR A 204 -10.12 -26.22 -10.25
C THR A 204 -10.59 -26.00 -8.82
N TYR A 205 -11.38 -24.95 -8.60
CA TYR A 205 -11.93 -24.66 -7.26
C TYR A 205 -13.43 -24.93 -7.25
N ILE A 206 -13.94 -25.60 -6.23
CA ILE A 206 -15.39 -25.80 -6.16
C ILE A 206 -15.96 -24.92 -5.08
N THR A 207 -16.89 -24.04 -5.45
CA THR A 207 -17.39 -23.05 -4.48
C THR A 207 -18.19 -23.73 -3.36
N LYS A 208 -18.25 -23.06 -2.21
CA LYS A 208 -18.73 -23.67 -0.98
C LYS A 208 -20.19 -24.02 -1.07
N TYR A 209 -20.98 -23.15 -1.68
CA TYR A 209 -22.42 -23.25 -1.51
C TYR A 209 -23.14 -23.75 -2.76
N THR A 210 -22.82 -23.21 -3.92
CA THR A 210 -23.50 -23.62 -5.11
C THR A 210 -22.69 -24.64 -5.89
N LYS A 211 -21.49 -24.95 -5.39
CA LYS A 211 -20.68 -26.04 -5.93
C LYS A 211 -20.29 -25.80 -7.39
N LYS A 212 -20.18 -24.52 -7.77
CA LYS A 212 -19.70 -24.13 -9.11
C LYS A 212 -18.22 -24.45 -9.28
N LYS A 213 -17.85 -24.99 -10.44
CA LYS A 213 -16.45 -25.24 -10.74
C LYS A 213 -15.82 -23.97 -11.31
N VAL A 214 -14.77 -23.49 -10.66
CA VAL A 214 -14.05 -22.33 -11.14
C VAL A 214 -12.66 -22.74 -11.56
N GLU A 215 -12.30 -22.45 -12.82
CA GLU A 215 -10.95 -22.70 -13.28
C GLU A 215 -10.04 -21.55 -12.85
N LEU A 216 -8.92 -21.90 -12.22
CA LEU A 216 -7.92 -20.94 -11.78
C LEU A 216 -6.64 -21.09 -12.58
N TYR A 217 -6.19 -20.01 -13.22
CA TYR A 217 -4.95 -20.02 -13.98
C TYR A 217 -4.01 -18.92 -13.49
N VAL A 218 -2.74 -19.28 -13.27
CA VAL A 218 -1.69 -18.29 -12.93
C VAL A 218 -0.64 -18.38 -14.06
N PHE A 219 -0.29 -17.22 -14.63
CA PHE A 219 0.56 -17.12 -15.84
C PHE A 219 1.84 -16.31 -15.60
N SER A 220 2.95 -16.70 -16.23
CA SER A 220 4.14 -15.85 -16.32
C SER A 220 4.88 -16.14 -17.62
N GLU A 221 5.96 -15.41 -17.86
CA GLU A 221 6.85 -15.80 -18.94
C GLU A 221 7.44 -17.17 -18.60
N GLU A 222 7.86 -17.89 -19.64
CA GLU A 222 8.33 -19.26 -19.49
C GLU A 222 9.47 -19.40 -18.48
N LYS A 223 10.38 -18.44 -18.46
CA LYS A 223 11.54 -18.52 -17.57
C LYS A 223 11.16 -18.68 -16.10
N TYR A 224 10.04 -18.09 -15.70
CA TYR A 224 9.70 -18.05 -14.28
C TYR A 224 8.47 -18.87 -13.90
N VAL A 225 8.12 -19.83 -14.76
CA VAL A 225 6.92 -20.62 -14.53
C VAL A 225 7.07 -21.41 -13.21
N SER A 226 8.31 -21.67 -12.78
CA SER A 226 8.53 -22.39 -11.53
C SER A 226 8.23 -21.52 -10.29
N LYS A 227 7.93 -20.23 -10.50
CA LYS A 227 7.71 -19.34 -9.36
C LYS A 227 6.23 -19.05 -9.14
N LEU A 228 5.36 -19.83 -9.77
CA LEU A 228 3.92 -19.53 -9.74
C LEU A 228 3.15 -20.24 -8.64
N GLN A 229 3.73 -21.23 -7.93
CA GLN A 229 2.88 -22.09 -7.10
C GLN A 229 2.25 -21.39 -5.88
N TRP A 230 3.01 -20.51 -5.22
CA TRP A 230 2.48 -19.89 -4.00
C TRP A 230 1.27 -19.00 -4.32
N ALA A 231 1.35 -18.26 -5.43
CA ALA A 231 0.24 -17.43 -5.91
C ALA A 231 -1.04 -18.23 -6.05
N LEU A 232 -0.93 -19.42 -6.64
CA LEU A 232 -2.09 -20.25 -6.83
C LEU A 232 -2.67 -20.65 -5.49
N GLU A 233 -1.84 -21.06 -4.54
CA GLU A 233 -2.32 -21.39 -3.20
C GLU A 233 -3.00 -20.19 -2.54
N CYS A 234 -2.38 -19.01 -2.66
CA CYS A 234 -2.96 -17.79 -2.07
C CYS A 234 -4.35 -17.51 -2.66
N LEU A 235 -4.50 -17.76 -3.95
CA LEU A 235 -5.80 -17.50 -4.59
C LEU A 235 -6.85 -18.44 -4.00
N LYS A 236 -6.51 -19.71 -3.84
CA LYS A 236 -7.44 -20.67 -3.24
C LYS A 236 -7.80 -20.22 -1.85
N LYS A 237 -6.78 -19.81 -1.09
CA LYS A 237 -6.98 -19.31 0.27
C LYS A 237 -7.95 -18.12 0.29
N SER A 238 -7.77 -17.23 -0.67
CA SER A 238 -8.59 -16.01 -0.76
C SER A 238 -10.04 -16.36 -0.99
N MET A 239 -10.25 -17.27 -1.93
CA MET A 239 -11.62 -17.68 -2.27
C MET A 239 -12.31 -18.27 -1.04
N ALA A 240 -11.54 -19.08 -0.31
CA ALA A 240 -12.10 -19.78 0.85
C ALA A 240 -12.44 -18.76 1.93
N PHE A 241 -11.59 -17.74 2.09
CA PHE A 241 -11.83 -16.75 3.13
C PHE A 241 -13.09 -15.93 2.85
N ASP A 242 -13.28 -15.48 1.61
CA ASP A 242 -14.47 -14.70 1.32
C ASP A 242 -15.69 -15.61 1.54
N GLU A 243 -15.55 -16.89 1.21
CA GLU A 243 -16.64 -17.82 1.54
C GLU A 243 -16.90 -17.98 3.05
N ASP A 244 -15.84 -18.19 3.83
CA ASP A 244 -15.97 -18.56 5.24
C ASP A 244 -16.34 -17.36 6.14
N TYR A 245 -15.72 -16.20 5.88
CA TYR A 245 -16.00 -15.02 6.70
C TYR A 245 -17.25 -14.29 6.22
N PHE A 246 -17.32 -14.06 4.91
CA PHE A 246 -18.35 -13.20 4.35
C PHE A 246 -19.49 -13.96 3.66
N GLY A 247 -19.33 -15.28 3.50
CA GLY A 247 -20.35 -16.08 2.81
C GLY A 247 -20.46 -15.75 1.32
N LEU A 248 -19.35 -15.29 0.74
CA LEU A 248 -19.36 -14.86 -0.65
C LEU A 248 -18.58 -15.80 -1.58
N GLU A 249 -19.21 -16.29 -2.64
CA GLU A 249 -18.48 -17.11 -3.59
C GLU A 249 -18.24 -16.39 -4.90
N TYR A 250 -17.27 -16.88 -5.64
CA TYR A 250 -16.95 -16.34 -6.95
C TYR A 250 -18.05 -16.66 -7.94
N ASP A 251 -18.31 -15.72 -8.85
CA ASP A 251 -19.44 -15.77 -9.76
C ASP A 251 -19.05 -16.15 -11.21
N LEU A 252 -17.76 -16.14 -11.56
CA LEU A 252 -17.35 -16.47 -12.93
C LEU A 252 -16.74 -17.88 -13.09
N SER A 253 -16.70 -18.38 -14.32
CA SER A 253 -16.20 -19.74 -14.60
C SER A 253 -14.68 -19.85 -14.48
N ARG A 254 -14.00 -18.71 -14.53
CA ARG A 254 -12.56 -18.75 -14.63
C ARG A 254 -11.97 -17.48 -14.08
N LEU A 255 -10.80 -17.59 -13.48
CA LEU A 255 -10.07 -16.44 -12.97
C LEU A 255 -8.61 -16.58 -13.39
N ASN A 256 -8.10 -15.59 -14.12
CA ASN A 256 -6.71 -15.61 -14.54
C ASN A 256 -5.90 -14.58 -13.78
N LEU A 257 -4.72 -15.01 -13.30
CA LEU A 257 -3.72 -14.09 -12.73
C LEU A 257 -2.51 -14.07 -13.66
N VAL A 258 -2.01 -12.88 -13.97
CA VAL A 258 -0.89 -12.78 -14.91
C VAL A 258 0.20 -11.87 -14.37
N ALA A 259 1.44 -12.37 -14.36
CA ALA A 259 2.57 -11.55 -13.95
C ALA A 259 3.26 -10.87 -15.12
N VAL A 260 3.55 -9.58 -14.99
CA VAL A 260 4.36 -8.86 -15.97
C VAL A 260 5.51 -8.15 -15.25
N SER A 261 6.62 -7.98 -15.96
CA SER A 261 7.84 -7.44 -15.37
C SER A 261 7.78 -5.93 -15.11
N ASP A 262 7.05 -5.21 -15.95
CA ASP A 262 6.95 -3.76 -15.88
C ASP A 262 5.54 -3.33 -15.42
N PHE A 263 5.42 -2.82 -14.19
CA PHE A 263 4.12 -2.45 -13.66
C PHE A 263 4.29 -1.29 -12.68
N ASN A 264 3.38 -0.32 -12.74
CA ASN A 264 3.56 0.89 -11.93
C ASN A 264 3.33 0.66 -10.47
N VAL A 265 2.48 -0.32 -10.15
CA VAL A 265 2.10 -0.52 -8.76
C VAL A 265 2.17 -2.00 -8.43
N GLY A 266 1.30 -2.49 -7.57
CA GLY A 266 1.37 -3.88 -7.18
C GLY A 266 0.56 -4.83 -8.07
N ALA A 267 -0.71 -4.54 -8.26
CA ALA A 267 -1.54 -5.35 -9.16
C ALA A 267 -2.84 -4.64 -9.46
N MET A 268 -3.64 -5.20 -10.36
CA MET A 268 -4.87 -4.57 -10.80
C MET A 268 -5.99 -5.61 -10.90
N GLU A 269 -7.19 -5.25 -10.49
CA GLU A 269 -8.29 -6.21 -10.35
C GLU A 269 -9.19 -6.38 -11.61
N ASN A 270 -8.62 -6.31 -12.82
CA ASN A 270 -9.47 -6.45 -14.02
C ASN A 270 -10.29 -7.72 -13.96
N LYS A 271 -11.58 -7.59 -14.29
CA LYS A 271 -12.55 -8.65 -14.05
C LYS A 271 -12.14 -9.95 -14.75
N GLY A 272 -11.84 -10.99 -13.95
CA GLY A 272 -11.53 -12.31 -14.47
C GLY A 272 -10.09 -12.40 -14.95
N LEU A 273 -9.38 -11.27 -14.89
CA LEU A 273 -8.06 -11.14 -15.49
C LEU A 273 -7.18 -10.18 -14.66
N ASN A 274 -6.76 -10.65 -13.48
CA ASN A 274 -5.98 -9.80 -12.58
C ASN A 274 -4.55 -9.75 -13.05
N ILE A 275 -3.99 -8.55 -13.11
CA ILE A 275 -2.68 -8.40 -13.71
C ILE A 275 -1.76 -7.85 -12.61
N PHE A 276 -0.59 -8.46 -12.47
CA PHE A 276 0.31 -8.25 -11.34
C PHE A 276 1.69 -7.77 -11.79
N ASN A 277 2.24 -6.82 -11.04
CA ASN A 277 3.67 -6.69 -10.96
C ASN A 277 4.25 -8.06 -10.64
N ALA A 278 5.18 -8.55 -11.44
CA ALA A 278 5.81 -9.83 -11.14
C ALA A 278 6.30 -9.92 -9.68
N ASN A 279 6.80 -8.82 -9.11
CA ASN A 279 7.29 -8.93 -7.72
C ASN A 279 6.19 -9.16 -6.68
N SER A 280 4.92 -9.09 -7.11
CA SER A 280 3.80 -9.34 -6.21
C SER A 280 3.01 -10.63 -6.59
N LEU A 281 3.58 -11.45 -7.47
CA LEU A 281 2.96 -12.72 -7.82
C LEU A 281 3.95 -13.90 -7.76
N LEU A 282 5.19 -13.68 -8.16
CA LEU A 282 6.15 -14.76 -8.34
C LEU A 282 7.08 -14.92 -7.16
N ALA A 283 7.28 -16.15 -6.71
CA ALA A 283 8.30 -16.42 -5.70
C ALA A 283 8.73 -17.89 -5.75
N SER A 284 9.95 -18.17 -5.33
CA SER A 284 10.34 -19.52 -4.95
C SER A 284 11.32 -19.38 -3.79
N LYS A 285 11.47 -20.43 -3.01
CA LYS A 285 12.29 -20.30 -1.80
C LYS A 285 13.77 -20.09 -2.12
N LYS A 286 14.19 -20.53 -3.30
CA LYS A 286 15.58 -20.38 -3.71
C LYS A 286 15.87 -18.96 -4.18
N ASN A 287 14.86 -18.31 -4.73
CA ASN A 287 15.07 -17.05 -5.45
C ASN A 287 14.28 -15.86 -4.93
N SER A 288 13.69 -15.97 -3.72
CA SER A 288 12.92 -14.85 -3.16
C SER A 288 13.23 -14.68 -1.67
N ILE A 289 13.19 -13.44 -1.20
CA ILE A 289 13.30 -13.23 0.22
C ILE A 289 11.94 -13.49 0.88
N ASP A 290 11.97 -13.65 2.19
CA ASP A 290 10.80 -14.07 2.92
C ASP A 290 9.62 -13.12 2.72
N PHE A 291 9.92 -11.83 2.66
CA PHE A 291 8.87 -10.80 2.53
C PHE A 291 7.98 -11.05 1.32
N SER A 292 8.51 -11.68 0.29
CA SER A 292 7.70 -11.96 -0.91
C SER A 292 6.45 -12.79 -0.60
N TYR A 293 6.53 -13.68 0.40
CA TYR A 293 5.44 -14.59 0.66
C TYR A 293 4.21 -13.86 1.26
N ALA A 294 4.41 -13.00 2.24
CA ALA A 294 3.30 -12.16 2.72
C ALA A 294 2.84 -11.17 1.65
N ARG A 295 3.78 -10.66 0.83
CA ARG A 295 3.42 -9.71 -0.21
C ARG A 295 2.45 -10.34 -1.24
N ILE A 296 2.78 -11.54 -1.67
CA ILE A 296 1.97 -12.24 -2.69
C ILE A 296 0.61 -12.59 -2.06
N LEU A 297 0.64 -13.10 -0.84
CA LEU A 297 -0.61 -13.39 -0.13
C LEU A 297 -1.52 -12.16 -0.08
N THR A 298 -0.98 -11.02 0.34
CA THR A 298 -1.82 -9.84 0.44
C THR A 298 -2.28 -9.30 -0.93
N VAL A 299 -1.42 -9.34 -1.95
CA VAL A 299 -1.80 -8.71 -3.20
C VAL A 299 -2.78 -9.61 -3.99
N VAL A 300 -2.52 -10.91 -3.99
CA VAL A 300 -3.47 -11.85 -4.56
C VAL A 300 -4.81 -11.72 -3.82
N GLY A 301 -4.78 -11.77 -2.48
CA GLY A 301 -5.99 -11.59 -1.71
C GLY A 301 -6.70 -10.30 -2.08
N HIS A 302 -5.95 -9.20 -2.08
CA HIS A 302 -6.50 -7.88 -2.36
C HIS A 302 -7.26 -7.87 -3.71
N GLU A 303 -6.64 -8.35 -4.78
CA GLU A 303 -7.32 -8.28 -6.08
C GLU A 303 -8.53 -9.23 -6.08
N TYR A 304 -8.42 -10.34 -5.37
CA TYR A 304 -9.56 -11.26 -5.34
C TYR A 304 -10.75 -10.60 -4.64
N PHE A 305 -10.51 -9.95 -3.50
CA PHE A 305 -11.61 -9.36 -2.72
C PHE A 305 -12.27 -8.20 -3.48
N HIS A 306 -11.55 -7.59 -4.40
CA HIS A 306 -12.16 -6.57 -5.28
C HIS A 306 -13.33 -7.15 -6.08
N GLN A 307 -13.36 -8.48 -6.29
CA GLN A 307 -14.42 -8.99 -7.19
C GLN A 307 -15.80 -8.57 -6.66
N TYR A 308 -15.97 -8.58 -5.33
CA TYR A 308 -17.13 -7.94 -4.74
C TYR A 308 -16.98 -6.44 -4.50
N THR A 309 -15.92 -6.03 -3.81
CA THR A 309 -15.84 -4.64 -3.35
C THR A 309 -15.01 -3.83 -4.35
N GLY A 310 -15.66 -3.48 -5.45
CA GLY A 310 -15.01 -2.78 -6.56
C GLY A 310 -15.57 -3.23 -7.91
N ASN A 311 -15.69 -4.53 -8.12
CA ASN A 311 -16.11 -5.07 -9.43
C ASN A 311 -17.63 -5.33 -9.52
N ARG A 312 -18.19 -5.96 -8.51
CA ARG A 312 -19.64 -6.17 -8.49
C ARG A 312 -20.40 -4.99 -7.90
N VAL A 313 -19.91 -4.45 -6.77
CA VAL A 313 -20.36 -3.14 -6.31
C VAL A 313 -19.25 -2.18 -6.77
N THR A 314 -19.58 -1.30 -7.70
CA THR A 314 -18.53 -0.44 -8.24
C THR A 314 -18.72 1.04 -7.85
N LEU A 315 -17.89 1.91 -8.42
CA LEU A 315 -17.85 3.31 -8.00
C LEU A 315 -18.67 4.19 -8.92
N ARG A 316 -19.43 5.10 -8.35
CA ARG A 316 -20.08 6.14 -9.12
C ARG A 316 -19.14 7.09 -9.82
N ASP A 317 -18.04 7.42 -9.13
CA ASP A 317 -17.10 8.44 -9.60
C ASP A 317 -15.82 8.21 -8.81
N TRP A 318 -14.74 8.86 -9.21
CA TRP A 318 -13.44 8.54 -8.62
C TRP A 318 -13.28 9.11 -7.22
N PHE A 319 -14.17 10.00 -6.79
CA PHE A 319 -14.03 10.55 -5.43
C PHE A 319 -14.40 9.48 -4.41
N GLN A 320 -15.11 8.44 -4.88
CA GLN A 320 -15.47 7.33 -4.00
C GLN A 320 -14.38 6.27 -3.93
N LEU A 321 -13.18 6.55 -4.44
CA LEU A 321 -12.13 5.53 -4.52
C LEU A 321 -11.95 4.71 -3.22
N THR A 322 -11.97 5.37 -2.06
CA THR A 322 -11.70 4.65 -0.80
C THR A 322 -12.79 3.63 -0.50
N LEU A 323 -13.99 3.85 -1.05
CA LEU A 323 -15.05 2.87 -0.90
C LEU A 323 -14.64 1.50 -1.47
N LYS A 324 -13.90 1.46 -2.58
CA LYS A 324 -13.34 0.16 -2.98
C LYS A 324 -11.94 -0.09 -2.46
N GLU A 325 -11.09 0.93 -2.32
CA GLU A 325 -9.72 0.63 -1.89
C GLU A 325 -9.60 0.46 -0.36
N GLY A 326 -10.15 1.39 0.42
CA GLY A 326 -10.09 1.25 1.86
C GLY A 326 -10.77 -0.07 2.28
N LEU A 327 -11.91 -0.38 1.69
CA LEU A 327 -12.67 -1.55 2.10
C LEU A 327 -11.94 -2.84 1.69
N THR A 328 -11.33 -2.82 0.51
CA THR A 328 -10.66 -4.00 0.04
C THR A 328 -9.35 -4.22 0.84
N VAL A 329 -8.62 -3.16 1.19
CA VAL A 329 -7.46 -3.32 2.06
C VAL A 329 -7.90 -3.90 3.41
N HIS A 330 -9.02 -3.41 3.94
CA HIS A 330 -9.57 -3.95 5.20
C HIS A 330 -9.86 -5.45 5.05
N ARG A 331 -10.50 -5.83 3.95
CA ARG A 331 -10.80 -7.24 3.73
C ARG A 331 -9.51 -8.04 3.59
N GLU A 332 -8.55 -7.45 2.90
CA GLU A 332 -7.25 -8.10 2.76
C GLU A 332 -6.53 -8.24 4.10
N ASN A 333 -6.60 -7.21 4.95
CA ASN A 333 -5.97 -7.31 6.28
C ASN A 333 -6.64 -8.37 7.13
N LEU A 334 -7.98 -8.46 7.10
CA LEU A 334 -8.65 -9.55 7.86
C LEU A 334 -8.14 -10.90 7.40
N PHE A 335 -8.05 -11.03 6.08
CA PHE A 335 -7.59 -12.26 5.44
C PHE A 335 -6.18 -12.64 5.89
N SER A 336 -5.29 -11.65 5.80
CA SER A 336 -3.90 -11.93 6.10
CA SER A 336 -3.88 -11.86 6.11
C SER A 336 -3.70 -12.21 7.58
N GLU A 337 -4.42 -11.51 8.44
CA GLU A 337 -4.33 -11.85 9.87
C GLU A 337 -4.80 -13.30 10.12
N GLU A 338 -5.87 -13.72 9.45
CA GLU A 338 -6.35 -15.10 9.61
C GLU A 338 -5.34 -16.10 9.04
N MET A 339 -4.68 -15.77 7.93
CA MET A 339 -3.80 -16.78 7.30
C MET A 339 -2.45 -16.93 8.01
N THR A 340 -1.91 -15.81 8.53
CA THR A 340 -0.56 -15.81 9.09
C THR A 340 -0.59 -16.23 10.56
N LYS A 341 -1.69 -15.93 11.23
CA LYS A 341 -1.82 -16.21 12.67
C LYS A 341 -0.63 -15.70 13.50
N THR A 342 -0.10 -14.52 13.15
CA THR A 342 1.02 -13.94 13.90
C THR A 342 0.59 -12.55 14.27
N VAL A 343 0.86 -12.11 15.50
CA VAL A 343 0.44 -10.76 15.88
C VAL A 343 1.20 -9.68 15.08
N THR A 344 2.35 -10.02 14.51
CA THR A 344 3.11 -9.00 13.80
C THR A 344 2.43 -8.56 12.51
N THR A 345 1.46 -9.33 12.03
CA THR A 345 0.74 -8.92 10.84
C THR A 345 -0.02 -7.62 11.12
N ARG A 346 -0.81 -7.58 12.19
CA ARG A 346 -1.54 -6.35 12.49
C ARG A 346 -0.54 -5.24 12.88
N LEU A 347 0.52 -5.61 13.59
CA LEU A 347 1.50 -4.59 14.02
C LEU A 347 2.15 -3.96 12.81
N SER A 348 2.48 -4.76 11.80
CA SER A 348 3.12 -4.20 10.60
C SER A 348 2.21 -3.17 9.88
N HIS A 349 0.90 -3.38 9.86
CA HIS A 349 0.01 -2.38 9.22
CA HIS A 349 -0.02 -2.42 9.27
C HIS A 349 -0.05 -1.10 10.06
N VAL A 350 -0.05 -1.22 11.39
CA VAL A 350 -0.05 -0.02 12.24
C VAL A 350 1.26 0.74 12.06
N ASP A 351 2.34 -0.03 12.02
CA ASP A 351 3.68 0.52 11.80
C ASP A 351 3.72 1.36 10.50
N LEU A 352 3.16 0.80 9.44
CA LEU A 352 3.11 1.52 8.18
C LEU A 352 2.21 2.76 8.23
N LEU A 353 1.03 2.62 8.80
CA LEU A 353 0.15 3.77 8.94
C LEU A 353 0.79 4.93 9.72
N ARG A 354 1.32 4.64 10.91
CA ARG A 354 1.77 5.72 11.81
C ARG A 354 3.09 6.33 11.34
N SER A 355 3.79 5.66 10.43
CA SER A 355 4.97 6.26 9.87
C SER A 355 4.62 7.00 8.56
N VAL A 356 4.24 6.26 7.53
CA VAL A 356 4.04 6.86 6.19
C VAL A 356 2.74 7.70 6.06
N GLN A 357 1.62 7.14 6.51
CA GLN A 357 0.36 7.87 6.31
C GLN A 357 0.24 9.06 7.29
N PHE A 358 0.74 8.93 8.53
CA PHE A 358 0.69 10.10 9.44
C PHE A 358 1.54 11.24 8.88
N LEU A 359 2.70 10.90 8.32
CA LEU A 359 3.55 11.93 7.67
C LEU A 359 2.76 12.65 6.57
N GLU A 360 2.15 11.86 5.69
CA GLU A 360 1.31 12.42 4.63
C GLU A 360 0.23 13.34 5.23
N ASP A 361 -0.45 12.87 6.27
CA ASP A 361 -1.58 13.62 6.83
C ASP A 361 -1.12 14.91 7.54
N SER A 362 0.15 15.02 7.91
CA SER A 362 0.58 16.33 8.47
C SER A 362 1.39 17.16 7.47
N SER A 363 1.45 16.71 6.21
CA SER A 363 2.20 17.38 5.14
C SER A 363 1.25 18.32 4.38
N PRO A 364 1.81 19.20 3.51
CA PRO A 364 0.90 20.03 2.70
C PRO A 364 0.03 19.21 1.74
N LEU A 365 0.34 17.92 1.58
CA LEU A 365 -0.47 17.01 0.73
C LEU A 365 -1.70 16.43 1.45
N SER A 366 -1.83 16.70 2.75
CA SER A 366 -2.92 16.17 3.55
C SER A 366 -4.30 16.27 2.87
N HIS A 367 -5.03 15.16 2.86
CA HIS A 367 -6.37 15.12 2.29
C HIS A 367 -7.19 14.11 3.08
N PRO A 368 -8.53 14.25 3.04
CA PRO A 368 -9.38 13.24 3.67
C PRO A 368 -9.42 12.01 2.77
N ILE A 369 -9.95 10.90 3.26
CA ILE A 369 -9.96 9.68 2.47
C ILE A 369 -10.91 9.78 1.30
N ARG A 370 -11.84 10.73 1.38
CA ARG A 370 -12.60 11.16 0.20
C ARG A 370 -12.36 12.64 -0.13
N PRO A 371 -11.43 12.92 -1.04
CA PRO A 371 -11.07 14.32 -1.32
C PRO A 371 -12.19 15.08 -1.99
N GLU A 372 -12.09 16.40 -1.98
CA GLU A 372 -13.11 17.24 -2.57
C GLU A 372 -12.73 17.62 -3.99
N SER A 373 -11.49 17.36 -4.37
CA SER A 373 -11.02 17.74 -5.70
C SER A 373 -9.80 16.97 -6.16
N TYR A 374 -9.62 16.91 -7.48
CA TYR A 374 -8.38 16.40 -8.04
C TYR A 374 -8.08 17.02 -9.40
N VAL A 375 -6.80 17.03 -9.75
CA VAL A 375 -6.35 17.35 -11.09
C VAL A 375 -5.86 16.07 -11.78
N SER A 376 -4.96 15.36 -11.11
CA SER A 376 -4.39 14.13 -11.63
C SER A 376 -4.92 12.92 -10.89
N MET A 377 -5.62 12.02 -11.59
CA MET A 377 -6.11 10.79 -10.98
CA MET A 377 -6.11 10.80 -10.99
C MET A 377 -4.98 9.86 -10.59
N GLU A 378 -3.88 9.93 -11.33
CA GLU A 378 -2.73 9.08 -11.07
C GLU A 378 -2.08 9.48 -9.71
N ASN A 379 -2.44 10.65 -9.16
CA ASN A 379 -1.89 11.15 -7.90
C ASN A 379 -2.80 10.89 -6.69
N PHE A 380 -3.94 10.27 -6.96
CA PHE A 380 -5.03 10.05 -6.00
C PHE A 380 -4.91 8.74 -5.20
N TYR A 381 -4.03 7.86 -5.64
CA TYR A 381 -3.91 6.52 -5.09
C TYR A 381 -2.93 6.53 -3.95
N THR A 382 -3.38 7.05 -2.80
CA THR A 382 -2.44 7.41 -1.73
C THR A 382 -2.57 6.50 -0.52
N THR A 383 -1.54 6.50 0.32
CA THR A 383 -1.67 5.80 1.57
C THR A 383 -2.83 6.31 2.43
N THR A 384 -3.21 7.57 2.27
CA THR A 384 -4.37 8.05 3.03
C THR A 384 -5.63 7.30 2.54
N VAL A 385 -5.87 7.33 1.24
CA VAL A 385 -7.07 6.73 0.67
C VAL A 385 -7.14 5.24 0.96
N TYR A 386 -5.97 4.59 0.85
CA TYR A 386 -5.86 3.15 1.04
C TYR A 386 -5.81 2.72 2.53
N ASP A 387 -4.84 3.24 3.26
CA ASP A 387 -4.54 2.66 4.59
C ASP A 387 -5.30 3.36 5.72
N LYS A 388 -5.39 4.70 5.67
CA LYS A 388 -6.33 5.30 6.60
C LYS A 388 -7.73 4.87 6.21
N GLY A 389 -8.01 4.83 4.90
CA GLY A 389 -9.27 4.25 4.44
C GLY A 389 -9.57 2.88 5.08
N SER A 390 -8.59 1.99 5.07
CA SER A 390 -8.80 0.66 5.63
CA SER A 390 -8.77 0.65 5.65
C SER A 390 -9.06 0.74 7.14
N GLU A 391 -8.37 1.66 7.84
CA GLU A 391 -8.61 1.77 9.29
C GLU A 391 -10.02 2.30 9.60
N VAL A 392 -10.52 3.17 8.72
CA VAL A 392 -11.89 3.68 8.87
C VAL A 392 -12.89 2.55 8.60
N MET A 393 -12.59 1.71 7.62
CA MET A 393 -13.47 0.59 7.34
C MET A 393 -13.38 -0.42 8.50
N ARG A 394 -12.19 -0.59 9.05
CA ARG A 394 -12.01 -1.50 10.19
C ARG A 394 -12.73 -1.01 11.48
N MET A 395 -12.81 0.29 11.69
CA MET A 395 -13.51 0.79 12.89
C MET A 395 -14.97 0.36 12.92
N TYR A 396 -15.59 0.21 11.75
CA TYR A 396 -16.97 -0.27 11.76
C TYR A 396 -17.07 -1.65 12.45
N LEU A 397 -16.09 -2.50 12.17
CA LEU A 397 -16.04 -3.85 12.75
C LEU A 397 -15.80 -3.78 14.26
N THR A 398 -14.88 -2.92 14.67
CA THR A 398 -14.62 -2.69 16.10
C THR A 398 -15.89 -2.22 16.83
N ILE A 399 -16.59 -1.28 16.23
CA ILE A 399 -17.80 -0.73 16.81
C ILE A 399 -18.92 -1.74 16.87
N LEU A 400 -19.15 -2.44 15.76
CA LEU A 400 -20.28 -3.39 15.66
C LEU A 400 -20.01 -4.77 16.24
N GLY A 401 -18.75 -5.19 16.28
CA GLY A 401 -18.46 -6.57 16.63
C GLY A 401 -18.76 -7.46 15.43
N GLU A 402 -18.16 -8.64 15.40
CA GLU A 402 -18.14 -9.47 14.21
C GLU A 402 -19.51 -9.85 13.67
N GLU A 403 -20.46 -10.19 14.55
CA GLU A 403 -21.76 -10.64 14.07
C GLU A 403 -22.52 -9.52 13.35
N TYR A 404 -22.63 -8.36 14.01
CA TYR A 404 -23.32 -7.23 13.40
C TYR A 404 -22.50 -6.61 12.28
N TYR A 405 -21.17 -6.71 12.34
CA TYR A 405 -20.40 -6.22 11.19
C TYR A 405 -20.77 -7.06 9.96
N LYS A 406 -20.76 -8.38 10.10
CA LYS A 406 -21.10 -9.25 8.98
C LYS A 406 -22.51 -8.98 8.45
N LYS A 407 -23.45 -8.64 9.33
CA LYS A 407 -24.83 -8.34 8.92
C LYS A 407 -24.85 -7.08 8.08
N GLY A 408 -24.15 -6.05 8.56
CA GLY A 408 -24.09 -4.78 7.86
C GLY A 408 -23.42 -4.92 6.51
N PHE A 409 -22.32 -5.67 6.48
CA PHE A 409 -21.57 -5.86 5.23
C PHE A 409 -22.45 -6.61 4.22
N ASP A 410 -23.22 -7.58 4.71
CA ASP A 410 -24.07 -8.31 3.78
C ASP A 410 -25.21 -7.40 3.28
N ILE A 411 -25.70 -6.51 4.12
CA ILE A 411 -26.72 -5.55 3.68
C ILE A 411 -26.17 -4.72 2.53
N TYR A 412 -24.92 -4.28 2.66
CA TYR A 412 -24.27 -3.47 1.64
C TYR A 412 -24.17 -4.18 0.31
N ILE A 413 -23.72 -5.43 0.36
CA ILE A 413 -23.54 -6.22 -0.87
C ILE A 413 -24.89 -6.53 -1.54
N LYS A 414 -25.83 -7.07 -0.78
CA LYS A 414 -27.13 -7.43 -1.34
C LYS A 414 -27.82 -6.20 -1.95
N LYS A 415 -27.67 -5.05 -1.30
CA LYS A 415 -28.39 -3.88 -1.76
C LYS A 415 -27.77 -3.26 -3.02
N ASN A 416 -26.44 -3.37 -3.18
CA ASN A 416 -25.75 -2.60 -4.21
C ASN A 416 -25.05 -3.45 -5.27
N ASP A 417 -25.19 -4.76 -5.16
CA ASP A 417 -24.61 -5.70 -6.10
C ASP A 417 -25.06 -5.35 -7.52
N GLY A 418 -24.11 -5.19 -8.43
CA GLY A 418 -24.45 -4.90 -9.81
C GLY A 418 -24.67 -3.43 -10.12
N ASN A 419 -24.55 -2.57 -9.11
CA ASN A 419 -24.64 -1.14 -9.40
CA ASN A 419 -24.70 -1.13 -9.23
C ASN A 419 -23.46 -0.35 -8.81
N THR A 420 -23.46 0.96 -9.09
CA THR A 420 -22.42 1.87 -8.63
C THR A 420 -22.80 2.20 -7.20
N ALA A 421 -21.86 2.64 -6.38
CA ALA A 421 -22.18 3.07 -5.03
C ALA A 421 -21.28 4.23 -4.55
N THR A 422 -21.64 4.79 -3.40
CA THR A 422 -20.91 5.91 -2.80
C THR A 422 -20.59 5.56 -1.35
N CYS A 423 -19.72 6.36 -0.72
CA CYS A 423 -19.35 6.09 0.67
C CYS A 423 -20.57 6.13 1.56
N GLU A 424 -21.55 6.94 1.17
CA GLU A 424 -22.77 7.05 1.95
C GLU A 424 -23.54 5.73 1.98
N ASP A 425 -23.58 5.03 0.85
CA ASP A 425 -24.26 3.72 0.77
C ASP A 425 -23.66 2.74 1.80
N PHE A 426 -22.34 2.73 1.94
CA PHE A 426 -21.72 1.86 2.93
C PHE A 426 -22.06 2.27 4.35
N ASN A 427 -21.94 3.56 4.65
CA ASN A 427 -22.26 4.04 5.97
C ASN A 427 -23.70 3.71 6.29
N TYR A 428 -24.58 3.78 5.28
CA TYR A 428 -26.00 3.48 5.50
C TYR A 428 -26.22 2.02 5.92
N ALA A 429 -25.53 1.12 5.24
CA ALA A 429 -25.55 -0.31 5.56
C ALA A 429 -25.03 -0.56 6.97
N MET A 430 -23.95 0.11 7.33
CA MET A 430 -23.39 -0.06 8.66
C MET A 430 -24.35 0.48 9.68
N GLU A 431 -25.01 1.58 9.34
CA GLU A 431 -25.93 2.20 10.28
C GLU A 431 -27.10 1.24 10.60
N GLN A 432 -27.60 0.53 9.59
CA GLN A 432 -28.70 -0.39 9.84
C GLN A 432 -28.29 -1.41 10.89
N ALA A 433 -27.08 -1.94 10.76
CA ALA A 433 -26.56 -2.89 11.74
C ALA A 433 -26.41 -2.23 13.10
N TYR A 434 -26.02 -0.95 13.10
CA TYR A 434 -25.80 -0.23 14.34
C TYR A 434 -27.12 -0.13 15.11
N LYS A 435 -28.20 0.18 14.38
CA LYS A 435 -29.55 0.25 14.94
C LYS A 435 -29.92 -1.07 15.61
N MET A 436 -29.68 -2.17 14.90
CA MET A 436 -29.97 -3.49 15.42
C MET A 436 -29.17 -3.76 16.69
N LYS A 437 -27.87 -3.47 16.66
CA LYS A 437 -27.00 -3.75 17.80
C LYS A 437 -27.41 -2.96 19.04
N LYS A 438 -27.73 -1.68 18.84
CA LYS A 438 -28.12 -0.80 19.95
C LYS A 438 -29.59 -1.02 20.36
N ALA A 439 -30.33 -1.73 19.49
CA ALA A 439 -31.76 -1.94 19.67
C ALA A 439 -32.54 -0.64 19.83
N ASP A 440 -32.37 0.29 18.89
CA ASP A 440 -33.35 1.37 18.67
C ASP A 440 -33.11 2.06 17.34
N ASN A 441 -34.17 2.21 16.55
CA ASN A 441 -34.10 2.81 15.21
C ASN A 441 -33.71 4.30 15.25
N SER A 442 -33.50 4.83 16.45
CA SER A 442 -33.10 6.21 16.66
C SER A 442 -31.59 6.42 16.53
N ALA A 443 -30.83 5.34 16.77
CA ALA A 443 -29.37 5.38 16.70
C ALA A 443 -28.93 5.64 15.26
N ASN A 444 -27.85 6.42 15.10
CA ASN A 444 -27.36 6.70 13.77
C ASN A 444 -25.87 6.90 13.74
N LEU A 445 -25.33 6.90 12.53
CA LEU A 445 -23.89 7.06 12.34
C LEU A 445 -23.57 8.30 11.52
N ASN A 446 -24.42 9.33 11.60
CA ASN A 446 -24.18 10.55 10.82
CA ASN A 446 -24.21 10.57 10.86
C ASN A 446 -22.82 11.16 11.17
N GLN A 447 -22.46 11.17 12.44
CA GLN A 447 -21.14 11.70 12.83
C GLN A 447 -20.00 10.89 12.20
N TYR A 448 -20.25 9.61 11.91
CA TYR A 448 -19.17 8.74 11.42
C TYR A 448 -18.70 9.23 10.04
N LEU A 449 -19.58 9.88 9.29
CA LEU A 449 -19.23 10.35 7.95
C LEU A 449 -18.10 11.37 7.97
N LEU A 450 -17.87 11.99 9.13
CA LEU A 450 -16.77 12.94 9.23
C LEU A 450 -15.41 12.22 8.99
N TRP A 451 -15.36 10.92 9.24
CA TRP A 451 -14.14 10.19 8.92
C TRP A 451 -13.81 10.23 7.42
N PHE A 452 -14.85 10.41 6.58
CA PHE A 452 -14.59 10.49 5.14
C PHE A 452 -14.21 11.88 4.66
N SER A 453 -14.71 12.90 5.36
CA SER A 453 -14.52 14.29 4.90
C SER A 453 -13.41 15.08 5.60
N GLN A 454 -13.05 14.68 6.82
CA GLN A 454 -12.10 15.48 7.60
C GLN A 454 -10.68 14.95 7.48
N SER A 455 -9.77 15.82 7.09
CA SER A 455 -8.36 15.40 7.00
C SER A 455 -7.63 15.59 8.33
N GLY A 456 -6.41 15.05 8.40
CA GLY A 456 -5.60 15.20 9.59
C GLY A 456 -5.77 14.04 10.57
N THR A 457 -4.74 13.80 11.38
CA THR A 457 -4.79 12.74 12.37
C THR A 457 -5.33 13.23 13.71
N PRO A 458 -6.38 12.59 14.24
CA PRO A 458 -6.79 13.08 15.56
C PRO A 458 -5.76 12.74 16.64
N HIS A 459 -5.72 13.56 17.69
CA HIS A 459 -4.95 13.30 18.89
C HIS A 459 -5.89 12.96 20.02
N VAL A 460 -5.63 11.87 20.72
CA VAL A 460 -6.51 11.47 21.81
C VAL A 460 -5.65 11.38 23.08
N SER A 461 -6.01 12.13 24.11
CA SER A 461 -5.22 12.11 25.32
C SER A 461 -6.09 11.76 26.53
N PHE A 462 -5.42 11.47 27.65
CA PHE A 462 -6.06 10.86 28.79
C PHE A 462 -5.63 11.44 30.13
N LYS A 463 -6.55 11.43 31.07
CA LYS A 463 -6.21 11.62 32.47
C LYS A 463 -6.98 10.57 33.30
N TYR A 464 -6.41 10.16 34.41
CA TYR A 464 -6.99 9.08 35.19
C TYR A 464 -7.24 9.51 36.63
N ASN A 465 -8.24 8.88 37.23
CA ASN A 465 -8.51 9.10 38.64
CA ASN A 465 -8.53 9.11 38.61
C ASN A 465 -9.00 7.80 39.25
N TYR A 466 -8.50 7.48 40.44
CA TYR A 466 -8.91 6.27 41.14
C TYR A 466 -9.21 6.58 42.59
N ASP A 467 -10.43 6.23 43.02
CA ASP A 467 -10.83 6.37 44.41
C ASP A 467 -10.76 5.00 45.09
N ALA A 468 -9.74 4.84 45.93
CA ALA A 468 -9.45 3.53 46.53
C ALA A 468 -10.58 3.04 47.41
N GLU A 469 -11.18 3.94 48.19
CA GLU A 469 -12.27 3.57 49.07
C GLU A 469 -13.54 3.30 48.26
N LYS A 470 -13.80 4.08 47.22
CA LYS A 470 -15.00 3.83 46.41
C LYS A 470 -14.85 2.68 45.42
N LYS A 471 -13.63 2.20 45.20
CA LYS A 471 -13.37 1.21 44.14
C LYS A 471 -13.83 1.74 42.77
N GLN A 472 -13.60 3.03 42.55
CA GLN A 472 -14.12 3.71 41.38
C GLN A 472 -13.01 4.32 40.55
N TYR A 473 -12.97 3.96 39.27
CA TYR A 473 -11.90 4.39 38.37
C TYR A 473 -12.48 5.24 37.23
N SER A 474 -11.76 6.31 36.83
CA SER A 474 -12.20 7.19 35.75
C SER A 474 -11.13 7.34 34.71
N ILE A 475 -11.56 7.27 33.46
CA ILE A 475 -10.71 7.63 32.34
C ILE A 475 -11.31 8.86 31.69
N HIS A 476 -10.61 9.98 31.81
CA HIS A 476 -10.99 11.22 31.17
CA HIS A 476 -11.04 11.20 31.13
C HIS A 476 -10.31 11.32 29.82
N VAL A 477 -11.08 11.47 28.75
CA VAL A 477 -10.51 11.45 27.41
C VAL A 477 -10.79 12.73 26.67
N ASN A 478 -9.82 13.17 25.87
CA ASN A 478 -9.98 14.37 25.07
C ASN A 478 -9.54 14.06 23.63
N GLN A 479 -10.27 14.57 22.63
CA GLN A 479 -9.80 14.47 21.24
C GLN A 479 -9.62 15.86 20.62
N TYR A 480 -8.62 16.02 19.75
N TYR A 480 -8.63 15.93 19.71
CA TYR A 480 -8.58 17.22 18.92
CA TYR A 480 -8.23 17.18 19.06
C TYR A 480 -7.80 16.91 17.67
C TYR A 480 -7.69 16.90 17.65
N THR A 481 -8.16 17.59 16.60
CA THR A 481 -7.45 17.51 15.33
C THR A 481 -6.93 18.90 14.97
N LYS A 482 -5.67 19.00 14.55
CA LYS A 482 -5.13 20.32 14.22
C LYS A 482 -5.76 20.84 12.93
N PRO A 483 -6.15 22.13 12.94
CA PRO A 483 -6.65 22.77 11.71
C PRO A 483 -5.63 22.66 10.59
N ASP A 484 -6.10 22.55 9.35
CA ASP A 484 -5.19 22.47 8.21
C ASP A 484 -5.86 23.18 7.04
N GLU A 485 -5.37 22.92 5.82
CA GLU A 485 -5.89 23.65 4.67
C GLU A 485 -7.28 23.16 4.24
N ASN A 486 -7.72 22.02 4.77
CA ASN A 486 -9.02 21.45 4.39
C ASN A 486 -10.16 21.82 5.34
N GLN A 487 -9.88 21.92 6.63
CA GLN A 487 -10.87 22.47 7.58
C GLN A 487 -10.19 23.44 8.55
N LYS A 488 -10.69 24.67 8.60
CA LYS A 488 -10.27 25.63 9.61
C LYS A 488 -10.75 25.18 10.99
N GLU A 489 -11.93 24.60 11.03
CA GLU A 489 -12.52 24.16 12.28
C GLU A 489 -12.76 22.64 12.21
N LYS A 490 -12.04 21.88 13.01
CA LYS A 490 -12.19 20.43 12.98
C LYS A 490 -13.31 20.02 13.93
N LYS A 491 -14.07 19.00 13.58
CA LYS A 491 -15.18 18.58 14.43
C LYS A 491 -14.76 17.31 15.15
N PRO A 492 -15.35 17.04 16.33
CA PRO A 492 -15.06 15.78 17.05
C PRO A 492 -15.55 14.59 16.24
N LEU A 493 -14.77 13.51 16.24
CA LEU A 493 -15.10 12.30 15.52
C LEU A 493 -15.73 11.26 16.45
N PHE A 494 -16.36 10.26 15.84
CA PHE A 494 -16.75 9.04 16.52
C PHE A 494 -15.52 8.12 16.64
N ILE A 495 -14.94 8.07 17.83
CA ILE A 495 -13.71 7.35 18.04
C ILE A 495 -13.93 6.16 18.96
N PRO A 496 -13.77 4.94 18.43
CA PRO A 496 -14.00 3.77 19.31
C PRO A 496 -12.69 3.39 20.01
N ILE A 497 -12.73 3.27 21.33
CA ILE A 497 -11.52 3.04 22.08
C ILE A 497 -11.63 1.71 22.79
N SER A 498 -11.03 0.70 22.19
CA SER A 498 -11.01 -0.62 22.79
CA SER A 498 -10.98 -0.62 22.79
C SER A 498 -10.08 -0.60 24.01
N VAL A 499 -10.60 -0.97 25.16
CA VAL A 499 -9.79 -0.84 26.41
C VAL A 499 -9.85 -2.09 27.27
N GLY A 500 -8.79 -2.30 28.04
CA GLY A 500 -8.79 -3.22 29.16
C GLY A 500 -8.20 -2.51 30.38
N LEU A 501 -8.37 -3.13 31.54
CA LEU A 501 -7.79 -2.61 32.77
C LEU A 501 -7.00 -3.73 33.38
N ILE A 502 -5.70 -3.52 33.51
CA ILE A 502 -4.81 -4.55 34.01
C ILE A 502 -4.52 -4.32 35.49
N ASN A 503 -4.70 -5.37 36.31
CA ASN A 503 -4.30 -5.38 37.71
C ASN A 503 -2.77 -5.45 37.74
N PRO A 504 -2.11 -4.36 38.15
CA PRO A 504 -0.64 -4.41 38.11
C PRO A 504 -0.07 -5.41 39.13
N GLU A 505 -0.86 -5.87 40.09
CA GLU A 505 -0.34 -6.80 41.10
C GLU A 505 -0.25 -8.24 40.59
N ASN A 506 -1.07 -8.64 39.62
CA ASN A 506 -1.02 -10.01 39.13
C ASN A 506 -1.15 -10.11 37.62
N GLY A 507 -1.27 -8.96 36.94
CA GLY A 507 -1.37 -8.93 35.50
C GLY A 507 -2.70 -9.34 34.90
N LYS A 508 -3.73 -9.54 35.73
CA LYS A 508 -5.01 -10.02 35.22
C LYS A 508 -5.91 -8.93 34.64
N GLU A 509 -6.80 -9.34 33.73
CA GLU A 509 -7.84 -8.47 33.23
C GLU A 509 -8.82 -8.13 34.36
N MET A 510 -9.23 -6.88 34.46
CA MET A 510 -10.17 -6.54 35.51
C MET A 510 -11.58 -6.28 34.98
N ILE A 511 -11.70 -6.04 33.67
CA ILE A 511 -13.04 -5.90 33.09
C ILE A 511 -13.15 -6.75 31.83
N SER A 512 -14.39 -7.00 31.43
CA SER A 512 -14.66 -7.69 30.17
C SER A 512 -14.33 -6.77 28.99
N GLN A 513 -14.32 -7.35 27.79
CA GLN A 513 -14.10 -6.60 26.55
C GLN A 513 -14.98 -5.37 26.52
N THR A 514 -14.36 -4.22 26.29
CA THR A 514 -15.06 -2.95 26.40
C THR A 514 -14.53 -2.02 25.35
N THR A 515 -15.45 -1.42 24.60
CA THR A 515 -15.12 -0.42 23.61
C THR A 515 -15.79 0.89 23.97
N LEU A 516 -14.98 1.87 24.36
CA LEU A 516 -15.50 3.18 24.69
C LEU A 516 -15.89 3.94 23.43
N GLU A 517 -17.11 4.47 23.37
CA GLU A 517 -17.50 5.27 22.20
C GLU A 517 -17.35 6.76 22.53
N LEU A 518 -16.24 7.35 22.10
CA LEU A 518 -16.03 8.77 22.31
C LEU A 518 -16.66 9.53 21.15
N THR A 519 -17.66 10.34 21.43
CA THR A 519 -18.33 11.06 20.35
C THR A 519 -18.24 12.58 20.57
N LYS A 520 -17.69 12.99 21.69
CA LYS A 520 -17.58 14.41 21.98
C LYS A 520 -16.12 14.85 21.95
N GLU A 521 -15.88 16.13 22.19
CA GLU A 521 -14.52 16.66 22.29
C GLU A 521 -13.83 16.05 23.52
N SER A 522 -14.64 15.78 24.54
CA SER A 522 -14.12 15.09 25.72
C SER A 522 -15.23 14.38 26.45
N ASP A 523 -14.85 13.39 27.24
CA ASP A 523 -15.80 12.63 28.01
C ASP A 523 -15.08 11.97 29.17
N THR A 524 -15.84 11.62 30.19
CA THR A 524 -15.26 10.91 31.32
C THR A 524 -15.94 9.55 31.47
N PHE A 525 -15.15 8.48 31.41
CA PHE A 525 -15.68 7.12 31.52
C PHE A 525 -15.39 6.53 32.88
N VAL A 526 -16.44 6.17 33.62
CA VAL A 526 -16.27 5.74 34.98
C VAL A 526 -16.55 4.25 35.13
N PHE A 527 -15.74 3.58 35.94
CA PHE A 527 -15.89 2.15 36.17
C PHE A 527 -16.00 1.93 37.66
N ASN A 528 -17.05 1.22 38.09
CA ASN A 528 -17.22 0.88 39.49
C ASN A 528 -16.69 -0.51 39.78
N ASN A 529 -16.53 -0.83 41.07
CA ASN A 529 -16.10 -2.14 41.50
C ASN A 529 -14.77 -2.49 40.85
N ILE A 530 -13.88 -1.51 40.87
CA ILE A 530 -12.51 -1.71 40.41
C ILE A 530 -11.67 -1.83 41.68
N ALA A 531 -11.17 -3.03 41.94
CA ALA A 531 -10.72 -3.40 43.29
C ALA A 531 -9.41 -2.75 43.68
N VAL A 532 -8.57 -2.46 42.68
CA VAL A 532 -7.26 -1.86 42.94
C VAL A 532 -7.02 -0.91 41.80
N LYS A 533 -6.06 -0.01 41.95
CA LYS A 533 -5.77 0.97 40.90
C LYS A 533 -5.24 0.24 39.68
N PRO A 534 -5.92 0.38 38.52
CA PRO A 534 -5.39 -0.38 37.39
C PRO A 534 -4.35 0.38 36.56
N ILE A 535 -3.76 -0.35 35.64
CA ILE A 535 -3.08 0.28 34.52
C ILE A 535 -3.98 0.06 33.31
N PRO A 536 -4.38 1.17 32.67
CA PRO A 536 -5.27 1.07 31.51
C PRO A 536 -4.52 0.60 30.26
N SER A 537 -5.16 -0.34 29.55
CA SER A 537 -4.68 -0.88 28.27
C SER A 537 -5.53 -0.20 27.17
N LEU A 538 -4.99 0.82 26.54
CA LEU A 538 -5.78 1.71 25.69
C LEU A 538 -5.60 1.53 24.17
N PHE A 539 -6.72 1.58 23.44
CA PHE A 539 -6.73 1.38 21.99
C PHE A 539 -6.17 0.01 21.59
N ARG A 540 -6.63 -1.04 22.28
CA ARG A 540 -6.24 -2.40 21.95
C ARG A 540 -6.48 -2.67 20.45
N GLY A 541 -5.51 -3.33 19.82
CA GLY A 541 -5.58 -3.64 18.39
C GLY A 541 -5.39 -2.40 17.52
N PHE A 542 -5.03 -1.28 18.17
CA PHE A 542 -4.96 0.04 17.53
C PHE A 542 -6.37 0.36 16.98
N SER A 543 -7.30 0.69 17.88
CA SER A 543 -8.71 0.67 17.50
C SER A 543 -9.19 1.94 16.77
N ALA A 544 -8.33 2.94 16.61
CA ALA A 544 -8.66 4.13 15.82
C ALA A 544 -7.36 4.76 15.32
N PRO A 545 -7.37 5.36 14.12
CA PRO A 545 -6.12 5.86 13.54
C PRO A 545 -5.83 7.26 14.10
N VAL A 546 -5.20 7.27 15.27
CA VAL A 546 -5.05 8.49 16.02
C VAL A 546 -3.67 8.51 16.64
N TYR A 547 -3.23 9.71 17.06
CA TYR A 547 -2.08 9.87 17.94
C TYR A 547 -2.52 9.55 19.37
N ILE A 548 -1.99 8.48 19.94
CA ILE A 548 -2.36 8.10 21.27
C ILE A 548 -1.42 8.81 22.27
N GLU A 549 -1.99 9.61 23.16
CA GLU A 549 -1.17 10.21 24.22
C GLU A 549 -1.61 9.62 25.55
N ASP A 550 -0.91 8.57 26.00
CA ASP A 550 -1.47 7.70 27.07
C ASP A 550 -1.20 8.29 28.45
N GLN A 551 -0.28 9.24 28.51
CA GLN A 551 0.07 9.90 29.76
C GLN A 551 0.41 8.91 30.86
N LEU A 552 0.97 7.76 30.48
CA LEU A 552 1.43 6.77 31.44
C LEU A 552 2.91 6.99 31.81
N THR A 553 3.31 6.56 33.00
CA THR A 553 4.72 6.62 33.35
C THR A 553 5.46 5.48 32.63
N ASP A 554 6.79 5.52 32.64
CA ASP A 554 7.53 4.45 31.99
C ASP A 554 7.35 3.16 32.79
N GLU A 555 7.22 3.29 34.11
CA GLU A 555 6.94 2.15 34.98
C GLU A 555 5.63 1.44 34.54
N GLU A 556 4.58 2.22 34.33
CA GLU A 556 3.30 1.67 33.87
C GLU A 556 3.43 1.03 32.50
N ARG A 557 4.16 1.70 31.61
CA ARG A 557 4.36 1.17 30.26
C ARG A 557 5.14 -0.13 30.30
N ILE A 558 6.13 -0.20 31.20
CA ILE A 558 6.89 -1.43 31.30
C ILE A 558 5.99 -2.56 31.78
N LEU A 559 5.14 -2.27 32.76
CA LEU A 559 4.26 -3.29 33.28
C LEU A 559 3.33 -3.80 32.17
N LEU A 560 2.84 -2.90 31.33
CA LEU A 560 2.00 -3.32 30.20
C LEU A 560 2.79 -4.15 29.19
N LEU A 561 3.97 -3.65 28.84
CA LEU A 561 4.84 -4.35 27.91
C LEU A 561 5.07 -5.80 28.37
N LYS A 562 5.22 -6.01 29.67
CA LYS A 562 5.43 -7.36 30.19
C LYS A 562 4.17 -8.19 30.31
N TYR A 563 3.09 -7.58 30.80
CA TYR A 563 1.95 -8.38 31.25
C TYR A 563 0.62 -8.16 30.57
N ASP A 564 0.50 -7.14 29.72
CA ASP A 564 -0.77 -6.91 29.04
C ASP A 564 -1.06 -8.06 28.05
N SER A 565 -2.33 -8.25 27.69
CA SER A 565 -2.79 -9.30 26.80
C SER A 565 -2.81 -8.84 25.35
N ASP A 566 -2.77 -7.53 25.13
CA ASP A 566 -2.92 -7.06 23.76
C ASP A 566 -1.58 -6.72 23.12
N ALA A 567 -1.28 -7.36 21.98
CA ALA A 567 0.03 -7.19 21.33
C ALA A 567 0.23 -5.74 20.93
N PHE A 568 -0.80 -5.08 20.41
CA PHE A 568 -0.57 -3.72 20.02
C PHE A 568 -0.27 -2.84 21.23
N VAL A 569 -1.04 -2.97 22.32
CA VAL A 569 -0.73 -2.08 23.46
C VAL A 569 0.68 -2.36 24.02
N ARG A 570 1.10 -3.62 24.03
CA ARG A 570 2.45 -3.93 24.51
C ARG A 570 3.49 -3.21 23.62
N TYR A 571 3.36 -3.37 22.30
CA TYR A 571 4.26 -2.75 21.30
C TYR A 571 4.22 -1.22 21.39
N ASN A 572 3.04 -0.66 21.59
CA ASN A 572 2.89 0.79 21.71
C ASN A 572 3.50 1.31 22.99
N SER A 573 3.38 0.53 24.05
CA SER A 573 3.97 0.95 25.30
C SER A 573 5.50 1.03 25.14
N CYS A 574 6.10 0.02 24.51
CA CYS A 574 7.51 0.03 24.15
C CYS A 574 7.87 1.22 23.24
N THR A 575 7.06 1.41 22.21
CA THR A 575 7.21 2.57 21.33
C THR A 575 7.21 3.88 22.12
N ASN A 576 6.29 4.00 23.08
CA ASN A 576 6.19 5.26 23.85
C ASN A 576 7.38 5.50 24.77
N ILE A 577 7.87 4.43 25.38
CA ILE A 577 9.10 4.51 26.18
C ILE A 577 10.30 4.98 25.31
N TYR A 578 10.48 4.35 24.14
CA TYR A 578 11.48 4.78 23.16
C TYR A 578 11.31 6.23 22.76
N MET A 579 10.07 6.64 22.47
CA MET A 579 9.90 8.01 22.01
C MET A 579 10.27 9.01 23.09
N LYS A 580 9.92 8.74 24.34
CA LYS A 580 10.28 9.68 25.40
C LYS A 580 11.81 9.80 25.48
N GLN A 581 12.47 8.65 25.39
CA GLN A 581 13.94 8.61 25.45
C GLN A 581 14.52 9.40 24.28
N ILE A 582 14.02 9.12 23.07
CA ILE A 582 14.49 9.78 21.85
C ILE A 582 14.34 11.30 21.90
N LEU A 583 13.16 11.75 22.31
CA LEU A 583 12.94 13.20 22.41
C LEU A 583 13.88 13.81 23.43
N MET A 584 14.11 13.12 24.54
CA MET A 584 14.97 13.70 25.57
CA MET A 584 14.96 13.68 25.59
C MET A 584 16.42 13.79 25.07
N ASN A 585 16.95 12.68 24.56
CA ASN A 585 18.35 12.67 24.08
C ASN A 585 18.52 13.60 22.87
N TYR A 586 17.54 13.62 21.96
CA TYR A 586 17.59 14.54 20.82
C TYR A 586 17.81 15.97 21.32
N ASN A 587 17.05 16.37 22.33
CA ASN A 587 17.15 17.74 22.78
C ASN A 587 18.49 18.01 23.47
N GLU A 588 19.03 17.00 24.15
CA GLU A 588 20.31 17.15 24.82
C GLU A 588 21.42 17.30 23.77
N PHE A 589 21.41 16.42 22.76
CA PHE A 589 22.34 16.54 21.63
C PHE A 589 22.17 17.87 20.85
N LEU A 590 20.92 18.31 20.66
CA LEU A 590 20.65 19.55 19.95
C LEU A 590 21.25 20.75 20.70
N LYS A 591 20.96 20.84 21.98
CA LYS A 591 21.50 21.92 22.77
C LYS A 591 23.03 21.93 22.76
N ALA A 592 23.65 20.75 22.78
CA ALA A 592 25.12 20.70 22.81
C ALA A 592 25.68 21.24 21.49
N LYS A 593 24.96 20.97 20.41
CA LYS A 593 25.34 21.46 19.07
C LYS A 593 25.15 22.98 18.97
N ASN A 594 23.93 23.42 19.24
CA ASN A 594 23.59 24.85 19.24
C ASN A 594 24.50 25.67 20.15
N GLU A 595 24.72 25.20 21.37
CA GLU A 595 25.51 25.96 22.33
C GLU A 595 27.00 25.67 22.23
N LYS A 596 27.38 24.78 21.31
CA LYS A 596 28.79 24.39 21.08
C LYS A 596 29.48 23.97 22.40
N LEU A 597 28.83 23.07 23.12
CA LEU A 597 29.32 22.64 24.42
C LEU A 597 30.55 21.77 24.29
N GLU A 598 31.50 22.02 25.17
CA GLU A 598 32.69 21.20 25.27
C GLU A 598 32.39 19.90 26.02
N SER A 599 31.34 19.92 26.83
CA SER A 599 30.91 18.74 27.58
C SER A 599 29.46 18.90 27.98
N PHE A 600 28.80 17.78 28.22
CA PHE A 600 27.37 17.80 28.51
C PHE A 600 26.95 16.38 28.92
N GLN A 601 25.73 16.25 29.45
CA GLN A 601 25.25 14.94 29.88
C GLN A 601 24.09 14.43 29.02
N LEU A 602 24.04 13.11 28.84
CA LEU A 602 22.92 12.45 28.18
C LEU A 602 22.16 11.64 29.21
N THR A 603 20.84 11.70 29.17
CA THR A 603 19.99 10.86 30.03
C THR A 603 20.12 9.40 29.61
N PRO A 604 20.55 8.51 30.50
CA PRO A 604 20.64 7.13 30.03
C PRO A 604 19.28 6.47 29.75
N VAL A 605 19.30 5.39 28.99
CA VAL A 605 18.10 4.60 28.74
C VAL A 605 17.67 4.01 30.08
N ASN A 606 16.36 3.99 30.34
CA ASN A 606 15.80 3.43 31.58
C ASN A 606 16.25 1.98 31.80
N ALA A 607 16.92 1.71 32.92
CA ALA A 607 17.50 0.38 33.15
C ALA A 607 16.41 -0.67 33.32
N GLN A 608 15.27 -0.29 33.92
CA GLN A 608 14.18 -1.26 34.10
C GLN A 608 13.57 -1.61 32.74
N PHE A 609 13.56 -0.64 31.84
CA PHE A 609 13.14 -0.92 30.46
C PHE A 609 14.06 -1.94 29.78
N ILE A 610 15.37 -1.77 29.95
CA ILE A 610 16.32 -2.69 29.34
C ILE A 610 16.13 -4.09 29.97
N ASP A 611 15.91 -4.12 31.29
CA ASP A 611 15.61 -5.36 32.00
C ASP A 611 14.36 -6.06 31.45
N ALA A 612 13.33 -5.28 31.12
CA ALA A 612 12.10 -5.88 30.59
C ALA A 612 12.31 -6.43 29.20
N ILE A 613 13.09 -5.73 28.37
CA ILE A 613 13.45 -6.26 27.05
C ILE A 613 14.16 -7.60 27.18
N LYS A 614 15.11 -7.70 28.11
CA LYS A 614 15.85 -8.94 28.35
C LYS A 614 14.90 -10.06 28.75
N TYR A 615 14.00 -9.75 29.68
CA TYR A 615 12.99 -10.69 30.15
C TYR A 615 12.14 -11.28 28.99
N LEU A 616 11.62 -10.41 28.14
CA LEU A 616 10.82 -10.88 27.01
C LEU A 616 11.67 -11.70 26.04
N LEU A 617 12.84 -11.17 25.68
CA LEU A 617 13.74 -11.88 24.78
C LEU A 617 14.07 -13.30 25.29
N GLU A 618 14.20 -13.42 26.60
CA GLU A 618 14.64 -14.69 27.16
C GLU A 618 13.47 -15.64 27.41
N ASP A 619 12.26 -15.17 27.16
CA ASP A 619 11.08 -16.00 27.38
C ASP A 619 10.85 -16.92 26.18
N PRO A 620 10.98 -18.24 26.40
CA PRO A 620 10.88 -19.21 25.30
C PRO A 620 9.49 -19.29 24.74
N HIS A 621 8.51 -18.76 25.45
CA HIS A 621 7.14 -18.84 25.01
C HIS A 621 6.70 -17.58 24.30
N ALA A 622 7.57 -16.57 24.23
CA ALA A 622 7.20 -15.31 23.58
C ALA A 622 7.42 -15.38 22.06
N ASP A 623 6.73 -14.50 21.35
CA ASP A 623 6.74 -14.52 19.92
C ASP A 623 8.00 -13.91 19.29
N ALA A 624 8.59 -14.63 18.34
CA ALA A 624 9.81 -14.18 17.69
C ALA A 624 9.62 -12.86 16.95
N GLY A 625 8.52 -12.72 16.21
CA GLY A 625 8.27 -11.47 15.49
C GLY A 625 8.12 -10.29 16.44
N PHE A 626 7.35 -10.50 17.51
CA PHE A 626 7.15 -9.44 18.50
C PHE A 626 8.53 -9.04 19.08
N LYS A 627 9.38 -10.03 19.37
CA LYS A 627 10.71 -9.73 19.90
C LYS A 627 11.51 -8.80 18.99
N SER A 628 11.38 -8.98 17.68
CA SER A 628 12.18 -8.18 16.75
C SER A 628 11.67 -6.75 16.74
N TYR A 629 10.38 -6.54 17.09
CA TYR A 629 9.88 -5.18 17.15
C TYR A 629 10.45 -4.47 18.36
N ILE A 630 10.57 -5.18 19.47
CA ILE A 630 10.94 -4.49 20.74
C ILE A 630 12.42 -4.09 20.78
N VAL A 631 13.27 -4.74 20.00
CA VAL A 631 14.68 -4.34 19.96
C VAL A 631 14.95 -3.32 18.85
N SER A 632 13.89 -2.91 18.16
CA SER A 632 14.01 -1.94 17.06
C SER A 632 13.44 -0.59 17.47
N LEU A 633 14.19 0.48 17.28
CA LEU A 633 13.66 1.81 17.59
C LEU A 633 12.54 2.15 16.61
N PRO A 634 11.64 3.07 16.99
CA PRO A 634 10.59 3.52 16.06
C PRO A 634 11.20 4.04 14.74
N GLN A 635 10.51 3.82 13.64
CA GLN A 635 10.87 4.35 12.32
C GLN A 635 11.16 5.83 12.39
N ASP A 636 12.17 6.26 11.63
CA ASP A 636 12.51 7.67 11.44
C ASP A 636 11.27 8.49 11.03
N ARG A 637 10.45 7.96 10.11
CA ARG A 637 9.29 8.74 9.67
C ARG A 637 8.18 8.80 10.72
N TYR A 638 8.22 7.93 11.72
CA TYR A 638 7.30 8.02 12.85
C TYR A 638 7.81 9.09 13.79
N ILE A 639 9.13 9.07 14.02
CA ILE A 639 9.76 9.99 14.95
C ILE A 639 9.57 11.44 14.50
N ILE A 640 9.68 11.68 13.19
CA ILE A 640 9.63 13.05 12.66
C ILE A 640 8.28 13.72 12.92
N ASN A 641 7.22 12.94 13.15
CA ASN A 641 5.95 13.57 13.53
C ASN A 641 6.02 14.30 14.86
N PHE A 642 7.03 14.02 15.66
CA PHE A 642 7.05 14.56 17.01
C PHE A 642 8.12 15.62 17.22
N VAL A 643 8.82 15.99 16.16
CA VAL A 643 9.92 16.95 16.30
C VAL A 643 9.80 18.06 15.28
N SER A 644 9.87 19.33 15.74
CA SER A 644 9.88 20.46 14.81
C SER A 644 11.29 20.75 14.34
N ASN A 645 11.45 21.14 13.08
CA ASN A 645 12.76 21.50 12.54
C ASN A 645 13.77 20.41 12.81
N LEU A 646 13.36 19.17 12.58
CA LEU A 646 14.20 18.03 12.86
C LEU A 646 15.56 18.10 12.16
N ASP A 647 16.63 18.10 12.97
CA ASP A 647 17.98 17.99 12.46
C ASP A 647 18.30 16.51 12.32
N THR A 648 18.45 16.03 11.09
CA THR A 648 18.58 14.57 10.87
C THR A 648 19.90 14.01 11.43
N ASP A 649 20.94 14.84 11.47
CA ASP A 649 22.19 14.40 12.06
C ASP A 649 22.06 14.19 13.54
N VAL A 650 21.39 15.14 14.20
CA VAL A 650 21.20 15.05 15.63
C VAL A 650 20.34 13.83 15.89
N LEU A 651 19.32 13.57 15.06
CA LEU A 651 18.54 12.36 15.29
C LEU A 651 19.40 11.11 15.07
N ALA A 652 20.25 11.11 14.04
CA ALA A 652 21.12 9.94 13.83
C ALA A 652 22.01 9.72 15.08
N ASP A 653 22.54 10.80 15.67
CA ASP A 653 23.33 10.64 16.90
C ASP A 653 22.49 10.11 18.09
N THR A 654 21.24 10.51 18.15
CA THR A 654 20.37 10.06 19.21
C THR A 654 20.12 8.54 19.12
N LYS A 655 19.76 8.08 17.93
CA LYS A 655 19.49 6.66 17.71
C LYS A 655 20.72 5.83 18.07
N GLU A 656 21.85 6.32 17.59
CA GLU A 656 23.15 5.69 17.82
C GLU A 656 23.42 5.50 19.30
N TYR A 657 23.28 6.58 20.08
CA TYR A 657 23.48 6.52 21.52
C TYR A 657 22.54 5.51 22.16
N ILE A 658 21.27 5.54 21.76
CA ILE A 658 20.25 4.68 22.40
C ILE A 658 20.52 3.21 22.04
N TYR A 659 20.81 2.92 20.77
CA TYR A 659 21.14 1.55 20.40
C TYR A 659 22.40 1.04 21.13
N LYS A 660 23.37 1.91 21.34
CA LYS A 660 24.64 1.52 21.94
C LYS A 660 24.41 1.27 23.42
N GLN A 661 23.60 2.13 24.05
CA GLN A 661 23.21 1.94 25.46
C GLN A 661 22.60 0.54 25.69
N ILE A 662 21.67 0.16 24.81
CA ILE A 662 20.95 -1.10 25.00
C ILE A 662 21.84 -2.30 24.66
N GLY A 663 22.57 -2.19 23.55
CA GLY A 663 23.51 -3.25 23.17
C GLY A 663 24.63 -3.48 24.20
N ASP A 664 25.10 -2.41 24.83
CA ASP A 664 26.12 -2.52 25.88
C ASP A 664 25.65 -3.41 27.01
N LYS A 665 24.33 -3.49 27.20
CA LYS A 665 23.77 -4.35 28.23
CA LYS A 665 23.77 -4.34 28.24
C LYS A 665 23.30 -5.69 27.71
N LEU A 666 22.78 -5.73 26.48
CA LEU A 666 22.11 -6.94 25.96
C LEU A 666 22.82 -7.73 24.83
N ASN A 667 23.97 -7.27 24.34
CA ASN A 667 24.60 -7.98 23.21
C ASN A 667 24.83 -9.48 23.46
N ASP A 668 25.20 -9.86 24.69
CA ASP A 668 25.46 -11.27 24.95
C ASP A 668 24.14 -12.07 24.84
N VAL A 669 23.07 -11.47 25.31
CA VAL A 669 21.73 -12.04 25.12
C VAL A 669 21.41 -12.15 23.61
N TYR A 670 21.65 -11.08 22.85
CA TYR A 670 21.41 -11.10 21.40
C TYR A 670 22.16 -12.27 20.76
N TYR A 671 23.44 -12.37 21.09
CA TYR A 671 24.30 -13.39 20.48
C TYR A 671 23.80 -14.77 20.78
N LYS A 672 23.52 -15.01 22.04
CA LYS A 672 23.03 -16.30 22.50
C LYS A 672 21.76 -16.70 21.77
N MET A 673 20.87 -15.74 21.54
CA MET A 673 19.62 -16.01 20.84
C MET A 673 19.88 -16.23 19.37
N PHE A 674 20.72 -15.39 18.78
CA PHE A 674 21.10 -15.56 17.38
C PHE A 674 21.53 -17.01 17.13
N LYS A 675 22.27 -17.57 18.09
CA LYS A 675 22.79 -18.90 17.92
C LYS A 675 21.69 -19.94 18.13
N SER A 676 20.84 -19.75 19.13
CA SER A 676 19.95 -20.81 19.53
C SER A 676 18.72 -20.86 18.62
N LEU A 677 18.48 -19.77 17.89
CA LEU A 677 17.37 -19.70 16.97
C LEU A 677 17.66 -20.40 15.64
N GLU A 678 18.94 -20.63 15.35
CA GLU A 678 19.37 -21.10 14.04
CA GLU A 678 19.36 -21.11 14.02
C GLU A 678 18.62 -22.36 13.57
N ALA A 679 18.59 -23.37 14.44
CA ALA A 679 18.01 -24.67 14.05
C ALA A 679 16.58 -24.55 13.52
N LYS A 680 15.71 -23.85 14.25
CA LYS A 680 14.34 -23.76 13.81
C LYS A 680 14.16 -22.73 12.73
N ALA A 681 14.91 -21.62 12.83
CA ALA A 681 14.74 -20.53 11.86
C ALA A 681 15.16 -20.95 10.47
N ASP A 682 16.24 -21.73 10.37
CA ASP A 682 16.79 -22.06 9.05
C ASP A 682 16.50 -23.50 8.63
N ASP A 683 15.55 -24.13 9.30
CA ASP A 683 15.13 -25.49 8.97
C ASP A 683 14.83 -25.62 7.46
N LEU A 684 15.52 -26.55 6.79
CA LEU A 684 15.41 -26.75 5.35
C LEU A 684 14.40 -27.82 4.92
N THR A 685 13.71 -28.44 5.88
CA THR A 685 12.80 -29.55 5.66
C THR A 685 11.87 -29.30 4.47
N TYR A 686 11.31 -28.09 4.38
CA TYR A 686 10.30 -27.78 3.37
C TYR A 686 10.81 -26.81 2.33
N PHE A 687 12.12 -26.69 2.18
CA PHE A 687 12.71 -25.73 1.25
C PHE A 687 12.27 -26.02 -0.22
N ASN A 688 12.03 -27.29 -0.57
CA ASN A 688 11.56 -27.58 -1.92
C ASN A 688 10.07 -27.86 -2.05
N ASP A 689 9.32 -27.39 -1.07
CA ASP A 689 7.87 -27.44 -1.10
C ASP A 689 7.31 -26.02 -1.11
N GLU A 690 6.99 -25.53 -2.32
CA GLU A 690 6.49 -24.17 -2.48
C GLU A 690 5.13 -23.92 -1.89
N SER A 691 4.43 -24.96 -1.44
CA SER A 691 3.09 -24.72 -0.93
C SER A 691 3.14 -24.61 0.58
N HIS A 692 4.31 -24.88 1.15
CA HIS A 692 4.47 -24.91 2.60
C HIS A 692 5.08 -23.58 3.08
N VAL A 693 4.28 -22.71 3.68
CA VAL A 693 4.81 -21.42 4.11
C VAL A 693 4.52 -21.26 5.60
N ASP A 694 5.58 -20.99 6.35
CA ASP A 694 5.53 -20.97 7.81
C ASP A 694 5.88 -19.56 8.28
N PHE A 695 4.85 -18.79 8.62
CA PHE A 695 5.09 -17.41 9.00
C PHE A 695 5.81 -17.25 10.33
N ASP A 696 5.64 -18.21 11.23
CA ASP A 696 6.39 -18.13 12.48
CA ASP A 696 6.39 -18.19 12.49
C ASP A 696 7.87 -18.37 12.21
N GLN A 697 8.18 -19.34 11.36
CA GLN A 697 9.59 -19.59 11.04
C GLN A 697 10.20 -18.38 10.36
N MET A 698 9.43 -17.70 9.51
CA MET A 698 9.97 -16.51 8.87
C MET A 698 10.20 -15.41 9.91
N ASN A 699 9.31 -15.31 10.89
CA ASN A 699 9.53 -14.32 11.97
C ASN A 699 10.79 -14.66 12.78
N MET A 700 11.06 -15.94 12.96
CA MET A 700 12.32 -16.33 13.59
C MET A 700 13.55 -15.89 12.78
N ARG A 701 13.49 -16.03 11.47
CA ARG A 701 14.58 -15.48 10.65
C ARG A 701 14.63 -13.95 10.75
N THR A 702 13.48 -13.29 10.73
CA THR A 702 13.47 -11.84 10.96
C THR A 702 14.21 -11.43 12.24
N LEU A 703 13.93 -12.14 13.35
CA LEU A 703 14.60 -11.86 14.61
C LEU A 703 16.11 -12.06 14.52
N ARG A 704 16.52 -13.20 13.95
CA ARG A 704 17.95 -13.47 13.80
C ARG A 704 18.63 -12.40 12.98
N ASN A 705 17.99 -12.03 11.88
CA ASN A 705 18.60 -11.03 11.02
C ASN A 705 18.60 -9.64 11.66
N THR A 706 17.63 -9.38 12.50
CA THR A 706 17.61 -8.14 13.27
C THR A 706 18.72 -8.14 14.34
N LEU A 707 18.85 -9.26 15.03
CA LEU A 707 19.92 -9.42 16.03
C LEU A 707 21.30 -9.36 15.38
N LEU A 708 21.46 -10.02 14.24
CA LEU A 708 22.76 -9.99 13.58
C LEU A 708 23.10 -8.55 13.18
N SER A 709 22.10 -7.80 12.75
CA SER A 709 22.36 -6.40 12.40
C SER A 709 22.85 -5.61 13.64
N LEU A 710 22.18 -5.78 14.77
CA LEU A 710 22.58 -5.10 16.00
C LEU A 710 23.97 -5.54 16.45
N LEU A 711 24.28 -6.83 16.32
CA LEU A 711 25.61 -7.31 16.70
C LEU A 711 26.70 -6.84 15.75
N SER A 712 26.40 -6.69 14.46
CA SER A 712 27.40 -6.26 13.50
C SER A 712 27.75 -4.80 13.71
N LYS A 713 26.73 -3.95 13.84
CA LYS A 713 26.95 -2.52 14.06
C LYS A 713 27.85 -2.34 15.28
N ALA A 714 27.60 -3.14 16.30
CA ALA A 714 28.33 -3.08 17.56
C ALA A 714 29.75 -3.69 17.51
N GLN A 715 30.12 -4.28 16.37
CA GLN A 715 31.41 -4.95 16.26
C GLN A 715 31.58 -5.94 17.39
N TYR A 716 30.52 -6.70 17.67
CA TYR A 716 30.59 -7.79 18.65
C TYR A 716 31.76 -8.72 18.32
N PRO A 717 32.51 -9.20 19.35
CA PRO A 717 33.71 -10.01 19.08
C PRO A 717 33.50 -11.15 18.09
N ASN A 718 34.31 -11.17 17.04
CA ASN A 718 34.26 -12.19 15.99
C ASN A 718 32.90 -12.42 15.30
N ILE A 719 32.02 -11.41 15.31
CA ILE A 719 30.71 -11.61 14.68
C ILE A 719 30.88 -11.84 13.17
N LEU A 720 32.03 -11.45 12.62
CA LEU A 720 32.25 -11.58 11.18
C LEU A 720 32.23 -13.07 10.79
N ASN A 721 32.70 -13.95 11.68
CA ASN A 721 32.57 -15.39 11.46
C ASN A 721 31.11 -15.75 11.17
N GLU A 722 30.20 -15.22 12.01
CA GLU A 722 28.77 -15.51 11.88
C GLU A 722 28.27 -14.97 10.56
N ILE A 723 28.74 -13.78 10.21
CA ILE A 723 28.31 -13.12 8.99
C ILE A 723 28.68 -13.99 7.78
N ILE A 724 29.91 -14.48 7.76
CA ILE A 724 30.39 -15.28 6.64
C ILE A 724 29.63 -16.59 6.50
N GLU A 725 29.32 -17.23 7.61
CA GLU A 725 28.54 -18.46 7.57
C GLU A 725 27.12 -18.18 7.10
N HIS A 726 26.56 -17.09 7.61
CA HIS A 726 25.23 -16.66 7.21
C HIS A 726 25.15 -16.51 5.68
N SER A 727 26.24 -16.07 5.06
CA SER A 727 26.21 -15.81 3.61
C SER A 727 26.10 -17.11 2.82
N LYS A 728 26.36 -18.24 3.48
CA LYS A 728 26.25 -19.54 2.85
C LYS A 728 24.88 -20.18 3.01
N SER A 729 23.99 -19.53 3.77
CA SER A 729 22.63 -20.04 3.92
C SER A 729 21.83 -20.11 2.58
N PRO A 730 20.98 -21.14 2.43
CA PRO A 730 20.17 -21.25 1.20
C PRO A 730 19.08 -20.19 1.10
N TYR A 731 18.77 -19.51 2.22
CA TYR A 731 17.66 -18.54 2.21
C TYR A 731 18.10 -17.15 1.82
N PRO A 732 17.52 -16.59 0.75
CA PRO A 732 17.95 -15.24 0.38
C PRO A 732 17.77 -14.19 1.47
N SER A 733 16.75 -14.31 2.34
CA SER A 733 16.67 -13.37 3.46
C SER A 733 17.96 -13.39 4.27
N ASN A 734 18.51 -14.58 4.48
CA ASN A 734 19.78 -14.72 5.23
C ASN A 734 21.01 -14.24 4.45
N TRP A 735 21.19 -14.72 3.21
CA TRP A 735 22.41 -14.33 2.53
C TRP A 735 22.37 -12.89 2.02
N LEU A 736 21.20 -12.31 1.82
CA LEU A 736 21.17 -10.87 1.53
C LEU A 736 21.41 -10.09 2.81
N THR A 737 20.93 -10.60 3.95
CA THR A 737 21.23 -9.89 5.20
C THR A 737 22.75 -9.88 5.41
N SER A 738 23.42 -10.94 4.99
CA SER A 738 24.86 -11.02 5.24
C SER A 738 25.60 -9.91 4.48
N LEU A 739 25.11 -9.56 3.30
CA LEU A 739 25.61 -8.41 2.54
C LEU A 739 25.40 -7.09 3.31
N SER A 740 24.17 -6.80 3.74
CA SER A 740 23.97 -5.50 4.40
C SER A 740 24.70 -5.40 5.75
N VAL A 741 24.75 -6.44 6.57
CA VAL A 741 25.45 -6.28 7.86
C VAL A 741 26.97 -6.31 7.65
N SER A 742 27.45 -6.86 6.55
CA SER A 742 28.90 -6.82 6.27
C SER A 742 29.41 -5.43 5.91
N ALA A 743 28.49 -4.47 5.74
CA ALA A 743 28.87 -3.09 5.47
C ALA A 743 29.91 -2.58 6.47
N TYR A 744 29.81 -3.06 7.71
CA TYR A 744 30.67 -2.60 8.80
C TYR A 744 32.01 -3.32 8.81
N PHE A 745 32.28 -4.11 7.78
CA PHE A 745 33.55 -4.84 7.73
C PHE A 745 34.27 -4.74 6.38
N ASP A 746 35.53 -5.16 6.35
CA ASP A 746 36.31 -5.04 5.12
C ASP A 746 35.90 -6.12 4.10
N LYS A 747 35.03 -7.05 4.51
CA LYS A 747 34.52 -8.08 3.62
C LYS A 747 33.32 -7.64 2.76
N TYR A 748 32.84 -6.42 2.94
CA TYR A 748 31.65 -5.95 2.24
C TYR A 748 31.72 -6.22 0.73
N PHE A 749 32.80 -5.82 0.05
CA PHE A 749 32.77 -5.94 -1.41
C PHE A 749 32.96 -7.38 -1.87
N GLU A 750 33.57 -8.22 -1.01
CA GLU A 750 33.60 -9.67 -1.28
C GLU A 750 32.17 -10.26 -1.27
N LEU A 751 31.37 -9.86 -0.29
CA LEU A 751 29.99 -10.38 -0.23
C LEU A 751 29.13 -9.75 -1.29
N TYR A 752 29.44 -8.49 -1.61
CA TYR A 752 28.82 -7.77 -2.74
C TYR A 752 28.89 -8.59 -4.00
N ASP A 753 30.11 -9.02 -4.33
CA ASP A 753 30.30 -9.81 -5.57
C ASP A 753 29.67 -11.19 -5.44
N LYS A 754 29.80 -11.80 -4.26
CA LYS A 754 29.23 -13.13 -4.08
C LYS A 754 27.73 -13.10 -4.29
N THR A 755 27.08 -12.16 -3.62
CA THR A 755 25.63 -12.11 -3.67
C THR A 755 25.11 -11.61 -5.00
N TYR A 756 25.88 -10.75 -5.67
CA TYR A 756 25.50 -10.34 -7.03
C TYR A 756 25.46 -11.54 -7.96
N LYS A 757 26.54 -12.31 -7.93
CA LYS A 757 26.57 -13.52 -8.74
C LYS A 757 25.37 -14.45 -8.42
N LEU A 758 24.98 -14.59 -7.16
CA LEU A 758 23.79 -15.39 -6.81
C LEU A 758 22.47 -14.80 -7.32
N SER A 759 22.43 -13.47 -7.51
CA SER A 759 21.18 -12.76 -7.78
C SER A 759 20.92 -12.42 -9.25
N LYS A 760 21.99 -12.37 -10.05
CA LYS A 760 21.91 -11.69 -11.36
C LYS A 760 21.04 -12.35 -12.43
N ASP A 761 20.78 -13.65 -12.29
CA ASP A 761 20.05 -14.40 -13.31
C ASP A 761 18.56 -14.58 -13.01
N ASP A 762 18.09 -13.98 -11.92
CA ASP A 762 16.65 -13.89 -11.62
C ASP A 762 16.31 -12.41 -11.50
N GLU A 763 15.41 -11.98 -12.37
CA GLU A 763 15.06 -10.56 -12.48
C GLU A 763 14.65 -9.95 -11.14
N LEU A 764 13.84 -10.68 -10.40
CA LEU A 764 13.28 -10.16 -9.13
C LEU A 764 14.29 -10.21 -8.00
N LEU A 765 15.07 -11.29 -7.97
CA LEU A 765 16.11 -11.44 -6.97
C LEU A 765 17.16 -10.36 -7.14
N LEU A 766 17.49 -10.06 -8.39
CA LEU A 766 18.46 -9.01 -8.65
C LEU A 766 17.91 -7.66 -8.13
N GLN A 767 16.59 -7.47 -8.24
CA GLN A 767 15.99 -6.25 -7.70
C GLN A 767 16.13 -6.22 -6.16
N GLU A 768 16.02 -7.37 -5.49
CA GLU A 768 16.20 -7.41 -4.05
C GLU A 768 17.67 -7.16 -3.69
N TRP A 769 18.57 -7.60 -4.56
CA TRP A 769 19.99 -7.37 -4.34
C TRP A 769 20.24 -5.87 -4.42
N LEU A 770 19.71 -5.26 -5.46
CA LEU A 770 19.82 -3.80 -5.61
C LEU A 770 19.35 -3.06 -4.36
N LYS A 771 18.18 -3.43 -3.86
CA LYS A 771 17.68 -2.81 -2.63
C LYS A 771 18.64 -2.98 -1.46
N THR A 772 19.25 -4.16 -1.39
CA THR A 772 20.14 -4.49 -0.27
C THR A 772 21.37 -3.58 -0.32
N VAL A 773 21.92 -3.45 -1.52
CA VAL A 773 23.06 -2.59 -1.73
C VAL A 773 22.63 -1.16 -1.40
N SER A 774 21.50 -0.75 -1.97
CA SER A 774 20.99 0.62 -1.80
C SER A 774 20.84 1.01 -0.32
N ARG A 775 20.32 0.10 0.51
CA ARG A 775 20.12 0.43 1.92
C ARG A 775 21.35 0.13 2.80
N SER A 776 22.44 -0.37 2.22
CA SER A 776 23.65 -0.66 2.98
C SER A 776 24.19 0.54 3.75
N ASP A 777 24.56 0.30 4.99
CA ASP A 777 25.08 1.40 5.80
C ASP A 777 26.58 1.64 5.49
N ARG A 778 26.82 2.31 4.36
CA ARG A 778 28.16 2.51 3.83
C ARG A 778 28.52 3.99 3.75
N LYS A 779 29.73 4.30 4.19
CA LYS A 779 30.23 5.67 4.12
C LYS A 779 30.44 6.05 2.66
N ASP A 780 30.73 5.05 1.82
CA ASP A 780 30.94 5.29 0.39
C ASP A 780 29.68 4.96 -0.43
N ILE A 781 28.51 5.19 0.16
CA ILE A 781 27.26 4.83 -0.50
C ILE A 781 27.03 5.62 -1.81
N TYR A 782 27.54 6.86 -1.89
CA TYR A 782 27.37 7.60 -3.14
C TYR A 782 28.16 6.97 -4.29
N GLU A 783 29.37 6.53 -3.98
CA GLU A 783 30.25 5.91 -4.97
C GLU A 783 29.66 4.56 -5.40
N ILE A 784 29.08 3.86 -4.45
CA ILE A 784 28.42 2.58 -4.69
C ILE A 784 27.20 2.76 -5.59
N LEU A 785 26.42 3.81 -5.36
CA LEU A 785 25.24 4.05 -6.21
C LEU A 785 25.67 4.34 -7.64
N LYS A 786 26.78 5.04 -7.77
CA LYS A 786 27.27 5.36 -9.11
C LYS A 786 27.68 4.09 -9.84
N LYS A 787 28.26 3.15 -9.09
CA LYS A 787 28.62 1.84 -9.63
C LYS A 787 27.38 1.04 -10.08
N LEU A 788 26.33 1.02 -9.26
CA LEU A 788 25.08 0.35 -9.65
C LEU A 788 24.53 0.91 -10.96
N GLU A 789 24.54 2.23 -11.08
CA GLU A 789 24.06 2.93 -12.26
C GLU A 789 24.83 2.50 -13.52
N ASN A 790 26.14 2.50 -13.42
CA ASN A 790 27.01 2.17 -14.57
C ASN A 790 27.03 0.69 -14.90
N GLU A 791 26.99 -0.16 -13.88
CA GLU A 791 27.18 -1.61 -14.08
C GLU A 791 25.90 -2.44 -14.17
N VAL A 792 24.83 -2.00 -13.50
CA VAL A 792 23.64 -2.84 -13.40
C VAL A 792 22.37 -2.15 -13.89
N LEU A 793 22.10 -0.95 -13.38
CA LEU A 793 20.84 -0.28 -13.69
C LEU A 793 20.82 0.25 -15.11
N LYS A 794 21.90 0.92 -15.52
CA LYS A 794 22.01 1.57 -16.82
C LYS A 794 20.77 2.42 -17.13
N ASP A 795 20.21 2.26 -18.34
CA ASP A 795 19.05 3.05 -18.75
C ASP A 795 17.78 2.21 -18.77
N SER A 796 17.68 1.26 -17.85
CA SER A 796 16.46 0.55 -17.63
C SER A 796 15.31 1.52 -17.35
N LYS A 797 14.17 1.25 -17.97
CA LYS A 797 12.94 1.99 -17.69
C LYS A 797 12.00 1.12 -16.86
N ASN A 798 12.50 -0.01 -16.36
CA ASN A 798 11.68 -0.87 -15.49
C ASN A 798 11.51 -0.20 -14.12
N PRO A 799 10.28 0.13 -13.71
CA PRO A 799 10.07 0.82 -12.44
C PRO A 799 10.61 0.05 -11.25
N ASN A 800 10.54 -1.28 -11.27
CA ASN A 800 11.12 -2.08 -10.21
C ASN A 800 12.63 -1.82 -10.06
N ASP A 801 13.34 -1.68 -11.19
CA ASP A 801 14.78 -1.48 -11.17
C ASP A 801 15.08 -0.11 -10.56
N ILE A 802 14.38 0.89 -11.06
CA ILE A 802 14.65 2.28 -10.62
C ILE A 802 14.31 2.46 -9.14
N ARG A 803 13.15 1.97 -8.73
CA ARG A 803 12.76 2.06 -7.32
C ARG A 803 13.70 1.29 -6.38
N ALA A 804 14.24 0.17 -6.88
CA ALA A 804 15.10 -0.67 -6.06
C ALA A 804 16.45 0.03 -5.78
N VAL A 805 16.99 0.67 -6.82
CA VAL A 805 18.28 1.38 -6.68
C VAL A 805 18.20 2.60 -5.75
N TYR A 806 17.11 3.34 -5.82
CA TYR A 806 17.09 4.67 -5.19
C TYR A 806 16.29 4.80 -3.90
N LEU A 807 15.13 4.14 -3.81
CA LEU A 807 14.28 4.41 -2.66
C LEU A 807 14.90 3.94 -1.32
N PRO A 808 15.53 2.76 -1.27
CA PRO A 808 16.07 2.37 0.04
C PRO A 808 17.16 3.32 0.53
N PHE A 809 18.03 3.78 -0.37
CA PHE A 809 19.03 4.79 -0.06
C PHE A 809 18.41 6.06 0.54
N THR A 810 17.21 6.42 0.10
CA THR A 810 16.62 7.66 0.62
C THR A 810 16.24 7.51 2.09
N ASN A 811 16.21 6.28 2.59
CA ASN A 811 15.95 6.09 4.01
C ASN A 811 17.24 6.06 4.86
N ASN A 812 18.36 6.38 4.22
CA ASN A 812 19.63 6.45 4.93
C ASN A 812 19.73 7.83 5.60
N LEU A 813 19.45 7.86 6.90
CA LEU A 813 19.23 9.12 7.62
C LEU A 813 20.46 10.01 7.55
N ARG A 814 21.60 9.41 7.83
CA ARG A 814 22.81 10.18 7.84
C ARG A 814 23.26 10.60 6.46
N ARG A 815 23.04 9.76 5.44
CA ARG A 815 23.67 10.05 4.16
C ARG A 815 22.74 10.69 3.13
N PHE A 816 21.51 10.20 3.03
CA PHE A 816 20.59 10.83 2.08
C PHE A 816 20.49 12.30 2.40
N HIS A 817 20.48 12.58 3.71
CA HIS A 817 20.30 13.96 4.21
C HIS A 817 21.60 14.69 4.43
N ASP A 818 22.65 14.26 3.72
CA ASP A 818 23.94 14.93 3.78
C ASP A 818 23.75 16.43 3.58
N ILE A 819 24.36 17.23 4.46
CA ILE A 819 24.11 18.66 4.54
C ILE A 819 24.54 19.44 3.28
N SER A 820 25.37 18.85 2.42
CA SER A 820 25.65 19.45 1.11
C SER A 820 24.42 19.54 0.19
N GLY A 821 23.41 18.75 0.48
CA GLY A 821 22.26 18.62 -0.40
C GLY A 821 22.48 17.64 -1.55
N LYS A 822 23.63 16.97 -1.60
CA LYS A 822 23.90 16.12 -2.77
C LYS A 822 22.94 14.94 -2.91
N GLY A 823 22.44 14.41 -1.81
CA GLY A 823 21.44 13.37 -1.94
C GLY A 823 20.13 13.89 -2.49
N TYR A 824 19.72 15.08 -2.07
CA TYR A 824 18.53 15.70 -2.64
C TYR A 824 18.72 15.94 -4.16
N LYS A 825 19.93 16.38 -4.52
CA LYS A 825 20.25 16.62 -5.91
C LYS A 825 20.16 15.34 -6.73
N LEU A 826 20.72 14.28 -6.16
CA LEU A 826 20.74 13.01 -6.86
C LEU A 826 19.32 12.51 -7.13
N ILE A 827 18.45 12.52 -6.12
CA ILE A 827 17.12 11.96 -6.30
CA ILE A 827 17.14 11.94 -6.34
C ILE A 827 16.29 12.83 -7.25
N ALA A 828 16.44 14.14 -7.13
CA ALA A 828 15.72 15.03 -8.06
C ALA A 828 16.15 14.78 -9.52
N GLU A 829 17.42 14.47 -9.72
CA GLU A 829 17.91 14.18 -11.08
C GLU A 829 17.20 12.94 -11.63
N VAL A 830 17.08 11.94 -10.77
CA VAL A 830 16.43 10.70 -11.15
C VAL A 830 14.93 10.91 -11.39
N ILE A 831 14.31 11.80 -10.62
CA ILE A 831 12.89 12.09 -10.80
C ILE A 831 12.65 12.76 -12.16
N THR A 832 13.43 13.78 -12.44
CA THR A 832 13.30 14.49 -13.70
C THR A 832 13.56 13.57 -14.91
N LYS A 833 14.56 12.71 -14.80
CA LYS A 833 14.91 11.74 -15.84
C LYS A 833 13.76 10.77 -16.09
N THR A 834 13.25 10.23 -14.99
CA THR A 834 12.15 9.26 -15.06
C THR A 834 10.87 9.90 -15.57
N ASP A 835 10.64 11.16 -15.23
CA ASP A 835 9.40 11.87 -15.60
C ASP A 835 9.22 11.99 -17.14
N LYS A 836 10.33 11.94 -17.86
CA LYS A 836 10.31 11.93 -19.33
C LYS A 836 9.56 10.73 -19.92
N PHE A 837 9.54 9.60 -19.21
CA PHE A 837 8.88 8.45 -19.79
C PHE A 837 7.82 7.80 -18.88
N ASN A 838 7.88 8.03 -17.56
CA ASN A 838 6.87 7.49 -16.65
C ASN A 838 6.54 8.48 -15.50
N PRO A 839 5.59 9.38 -15.76
CA PRO A 839 5.29 10.42 -14.75
C PRO A 839 4.76 9.84 -13.45
N MET A 840 4.01 8.74 -13.52
CA MET A 840 3.51 8.15 -12.30
C MET A 840 4.66 7.68 -11.38
N VAL A 841 5.63 6.98 -11.96
CA VAL A 841 6.75 6.53 -11.14
C VAL A 841 7.66 7.70 -10.71
N ALA A 842 7.77 8.72 -11.56
CA ALA A 842 8.56 9.89 -11.15
C ALA A 842 7.95 10.48 -9.88
N THR A 843 6.63 10.53 -9.81
CA THR A 843 5.97 11.10 -8.63
C THR A 843 6.19 10.21 -7.39
N GLN A 844 6.20 8.89 -7.59
CA GLN A 844 6.55 7.99 -6.50
C GLN A 844 7.96 8.26 -5.97
N LEU A 845 8.85 8.62 -6.87
CA LEU A 845 10.24 8.84 -6.47
C LEU A 845 10.38 10.17 -5.72
N CYS A 846 9.32 10.98 -5.72
CA CYS A 846 9.28 12.20 -4.90
C CYS A 846 9.11 11.97 -3.38
N GLU A 847 8.81 10.72 -3.01
CA GLU A 847 8.42 10.45 -1.62
C GLU A 847 9.34 11.07 -0.54
N PRO A 848 10.67 11.01 -0.72
CA PRO A 848 11.54 11.58 0.33
C PRO A 848 11.26 13.04 0.63
N PHE A 849 10.78 13.80 -0.36
CA PHE A 849 10.58 15.24 -0.18
C PHE A 849 9.31 15.54 0.63
N LYS A 850 8.50 14.51 0.92
CA LYS A 850 7.19 14.76 1.52
C LYS A 850 7.31 15.39 2.91
N LEU A 851 8.41 15.13 3.59
CA LEU A 851 8.64 15.72 4.90
C LEU A 851 9.48 17.00 4.89
N TRP A 852 9.64 17.64 3.72
CA TRP A 852 10.62 18.73 3.60
C TRP A 852 10.44 19.87 4.60
N ASN A 853 9.18 20.24 4.89
CA ASN A 853 8.98 21.38 5.76
C ASN A 853 9.07 20.98 7.24
N LYS A 854 9.44 19.73 7.49
CA LYS A 854 9.59 19.21 8.87
C LYS A 854 11.04 19.23 9.38
N LEU A 855 11.97 19.47 8.48
CA LEU A 855 13.38 19.37 8.79
C LEU A 855 13.95 20.71 9.28
N ASP A 856 15.20 20.67 9.74
CA ASP A 856 15.88 21.90 10.14
C ASP A 856 15.91 22.88 8.98
N THR A 857 16.13 24.16 9.27
CA THR A 857 15.87 25.15 8.23
C THR A 857 16.86 25.08 7.07
N LYS A 858 18.06 24.55 7.29
CA LYS A 858 18.99 24.41 6.17
C LYS A 858 18.52 23.35 5.18
N ARG A 859 18.07 22.23 5.70
CA ARG A 859 17.67 21.14 4.84
C ARG A 859 16.34 21.45 4.16
N GLN A 860 15.46 22.20 4.82
CA GLN A 860 14.24 22.68 4.17
C GLN A 860 14.59 23.41 2.91
N GLU A 861 15.54 24.34 3.06
CA GLU A 861 15.96 25.16 1.94
C GLU A 861 16.62 24.34 0.82
N LEU A 862 17.45 23.38 1.19
CA LEU A 862 18.09 22.50 0.22
C LEU A 862 17.04 21.68 -0.57
N MET A 863 16.11 21.07 0.15
CA MET A 863 15.02 20.35 -0.52
C MET A 863 14.16 21.26 -1.40
N LEU A 864 13.78 22.41 -0.85
CA LEU A 864 12.90 23.33 -1.58
C LEU A 864 13.60 23.75 -2.88
N ASN A 865 14.92 23.97 -2.82
CA ASN A 865 15.65 24.35 -4.04
CA ASN A 865 15.64 24.35 -4.03
C ASN A 865 15.54 23.28 -5.11
N GLU A 866 15.65 22.01 -4.70
CA GLU A 866 15.60 20.92 -5.68
C GLU A 866 14.22 20.80 -6.25
N MET A 867 13.21 21.01 -5.42
CA MET A 867 11.84 20.91 -5.90
C MET A 867 11.53 22.03 -6.89
N ASN A 868 11.98 23.24 -6.59
CA ASN A 868 11.79 24.35 -7.51
C ASN A 868 12.56 24.13 -8.81
N THR A 869 13.75 23.54 -8.72
CA THR A 869 14.50 23.20 -9.94
C THR A 869 13.70 22.20 -10.77
N MET A 870 13.18 21.14 -10.14
CA MET A 870 12.30 20.22 -10.87
C MET A 870 11.10 20.91 -11.51
N LEU A 871 10.49 21.83 -10.76
CA LEU A 871 9.28 22.51 -11.22
C LEU A 871 9.58 23.38 -12.43
N GLN A 872 10.83 23.77 -12.59
CA GLN A 872 11.16 24.66 -13.67
C GLN A 872 11.56 23.95 -14.98
N GLU A 873 11.58 22.61 -14.96
CA GLU A 873 11.83 21.83 -16.17
C GLU A 873 10.75 22.07 -17.22
N PRO A 874 11.15 22.53 -18.42
CA PRO A 874 10.14 22.84 -19.44
C PRO A 874 9.22 21.67 -19.72
N GLN A 875 9.80 20.47 -19.73
CA GLN A 875 9.06 19.32 -20.18
C GLN A 875 8.40 18.54 -19.02
N ILE A 876 8.22 19.19 -17.87
CA ILE A 876 7.64 18.51 -16.71
C ILE A 876 6.21 18.01 -16.97
N SER A 877 5.92 16.78 -16.55
CA SER A 877 4.62 16.20 -16.77
C SER A 877 3.52 16.90 -15.98
N ASN A 878 2.27 16.70 -16.37
CA ASN A 878 1.18 17.19 -15.54
C ASN A 878 1.19 16.60 -14.12
N ASN A 879 1.40 15.29 -14.04
CA ASN A 879 1.51 14.53 -12.79
C ASN A 879 2.48 15.17 -11.82
N LEU A 880 3.71 15.37 -12.29
CA LEU A 880 4.78 15.81 -11.42
C LEU A 880 4.60 17.30 -11.04
N LYS A 881 4.24 18.14 -12.01
CA LYS A 881 3.98 19.54 -11.71
C LYS A 881 2.94 19.69 -10.59
N GLU A 882 1.81 19.03 -10.74
CA GLU A 882 0.70 19.14 -9.80
C GLU A 882 1.12 18.72 -8.40
N TYR A 883 1.80 17.58 -8.34
CA TYR A 883 2.29 17.04 -7.07
C TYR A 883 3.26 18.00 -6.35
N LEU A 884 4.27 18.51 -7.06
CA LEU A 884 5.25 19.42 -6.47
C LEU A 884 4.65 20.79 -6.13
N LEU A 885 3.71 21.24 -6.94
CA LEU A 885 2.98 22.50 -6.63
C LEU A 885 2.23 22.38 -5.30
N ARG A 886 1.49 21.29 -5.12
CA ARG A 886 0.80 21.02 -3.86
C ARG A 886 1.80 20.85 -2.71
N LEU A 887 2.85 20.05 -2.93
CA LEU A 887 3.82 19.76 -1.87
C LEU A 887 4.56 21.02 -1.39
N THR A 888 4.82 21.95 -2.30
CA THR A 888 5.55 23.14 -1.91
C THR A 888 4.62 24.32 -1.62
N ASN A 889 3.34 24.05 -1.40
CA ASN A 889 2.39 25.09 -1.02
C ASN A 889 2.32 26.26 -1.97
N LYS A 890 2.39 25.99 -3.27
CA LYS A 890 2.21 27.03 -4.27
C LYS A 890 0.76 27.04 -4.79
#